data_8CZW
#
_entry.id   8CZW
#
_cell.length_a   55.171
_cell.length_b   98.526
_cell.length_c   59.142
_cell.angle_alpha   90.000
_cell.angle_beta   108.030
_cell.angle_gamma   90.000
#
_symmetry.space_group_name_H-M   'P 1 21 1'
#
loop_
_entity.id
_entity.type
_entity.pdbx_description
1 polymer '3C-like proteinase'
2 non-polymer '[(1~{S},2~{R})-2-cyclohexylcyclopropyl]methyl ~{N}-[(2~{S})-1-[[(1~{S},2~{S})-1-[bis(oxidanyl)-oxidanylidene-$l^{5}-sulfanyl]-1-oxidanyl-3-[(3~{S})-2-oxidanylidenepyrrolidin-3-yl]propan-2-yl]amino]-4-methyl-1-oxidanylidene-pentan-2-yl]carbamate'
3 non-polymer '[(1~{S},2~{R})-2-cyclohexylcyclopropyl]methyl ~{N}-[(2~{S})-1-[[(1~{R},2~{S})-1-[bis(oxidanyl)-oxidanylidene-$l^{5}-sulfanyl]-1-oxidanyl-3-[(3~{S})-2-oxidanylidenepyrrolidin-3-yl]propan-2-yl]amino]-4-methyl-1-oxidanylidene-pentan-2-yl]carbamate'
4 non-polymer 'TETRAETHYLENE GLYCOL'
5 water water
#
_entity_poly.entity_id   1
_entity_poly.type   'polypeptide(L)'
_entity_poly.pdbx_seq_one_letter_code
;SNIGSGFRKMAFPSGKVEGCMVQVTCGTTTLNGLWLDDVVYCPRHVICTSEDMLNPNYEDLLIRKSNHNFLVQAGNVQLR
VIGHSMQNCVLKLKVDTANPKTPKYKFVRIQPGQTFSVLACYNGSPSGVYQCAMRPNFTIKGSFLNGSCGSVGFNIDYDC
VSFCYMHHMELPTGVHAGTDLEGNFYGPFVDRQTAQAAGTDTTITVNVLAWLYAAVINGDRWFLNRFTTTLNDFNLVAMK
YNYEPLTQDHVDILGPLSAQTGIAVLDMCASLKELLQNGMNGRTILGSALLEDEFTPFDVVRQCSGVTF
;
_entity_poly.pdbx_strand_id   A,B
#
loop_
_chem_comp.id
_chem_comp.type
_chem_comp.name
_chem_comp.formula
P8L non-polymer '[(1~{S},2~{R})-2-cyclohexylcyclopropyl]methyl ~{N}-[(2~{S})-1-[[(1~{R},2~{S})-1-[bis(oxidanyl)-oxidanylidene-$l^{5}-sulfanyl]-1-oxidanyl-3-[(3~{S})-2-oxidanylidenepyrrolidin-3-yl]propan-2-yl]amino]-4-methyl-1-oxidanylidene-pentan-2-yl]carbamate' 'C24 H42 N3 O8 S 1'
P8U non-polymer '[(1~{S},2~{R})-2-cyclohexylcyclopropyl]methyl ~{N}-[(2~{S})-1-[[(1~{S},2~{S})-1-[bis(oxidanyl)-oxidanylidene-$l^{5}-sulfanyl]-1-oxidanyl-3-[(3~{S})-2-oxidanylidenepyrrolidin-3-yl]propan-2-yl]amino]-4-methyl-1-oxidanylidene-pentan-2-yl]carbamate' 'C24 H42 N3 O8 S 1'
PG4 non-polymer 'TETRAETHYLENE GLYCOL' 'C8 H18 O5'
#
# COMPACT_ATOMS: atom_id res chain seq x y z
N GLY A 6 -12.11 2.47 10.00
CA GLY A 6 -10.71 2.04 9.99
C GLY A 6 -9.81 3.11 9.40
N PHE A 7 -8.51 3.00 9.65
CA PHE A 7 -7.55 3.99 9.19
C PHE A 7 -6.32 3.28 8.63
N ARG A 8 -6.01 3.52 7.37
CA ARG A 8 -4.97 2.75 6.70
C ARG A 8 -4.09 3.66 5.86
N LYS A 9 -2.80 3.35 5.84
CA LYS A 9 -1.91 4.04 4.91
C LYS A 9 -2.26 3.58 3.51
N MET A 10 -2.67 4.53 2.68
CA MET A 10 -3.33 4.25 1.43
C MET A 10 -2.66 5.01 0.30
N ALA A 11 -2.31 4.30 -0.77
CA ALA A 11 -1.72 4.89 -1.96
C ALA A 11 -2.80 5.24 -2.99
N PHE A 12 -2.52 6.23 -3.83
CA PHE A 12 -3.42 6.51 -4.95
C PHE A 12 -3.44 5.33 -5.93
N PRO A 13 -4.57 5.10 -6.59
CA PRO A 13 -4.60 4.09 -7.66
C PRO A 13 -3.56 4.44 -8.70
N SER A 14 -2.77 3.45 -9.09
CA SER A 14 -1.56 3.68 -9.88
C SER A 14 -1.76 3.50 -11.38
N GLY A 15 -2.97 3.19 -11.83
CA GLY A 15 -3.17 2.87 -13.25
C GLY A 15 -2.68 3.95 -14.20
N LYS A 16 -2.99 5.21 -13.89
CA LYS A 16 -2.60 6.29 -14.81
C LYS A 16 -1.09 6.41 -14.93
N VAL A 17 -0.33 5.99 -13.92
CA VAL A 17 1.13 6.04 -13.99
C VAL A 17 1.70 4.76 -14.62
N GLU A 18 1.06 3.61 -14.37
CA GLU A 18 1.52 2.36 -14.98
C GLU A 18 1.58 2.47 -16.49
N GLY A 19 0.58 3.13 -17.10
CA GLY A 19 0.57 3.28 -18.55
C GLY A 19 1.67 4.16 -19.11
N CYS A 20 2.50 4.74 -18.25
CA CYS A 20 3.60 5.58 -18.65
C CYS A 20 4.97 4.96 -18.44
N MET A 21 5.06 3.79 -17.81
CA MET A 21 6.37 3.25 -17.44
C MET A 21 6.93 2.46 -18.62
N VAL A 22 8.21 2.73 -18.92
CA VAL A 22 8.96 2.05 -19.96
C VAL A 22 10.32 1.66 -19.39
N GLN A 23 11.02 0.78 -20.13
CA GLN A 23 12.38 0.40 -19.80
C GLN A 23 13.36 1.19 -20.67
N VAL A 24 14.46 1.63 -20.05
CA VAL A 24 15.52 2.40 -20.72
C VAL A 24 16.86 1.70 -20.48
N THR A 25 17.58 1.39 -21.56
CA THR A 25 18.83 0.67 -21.42
C THR A 25 19.92 1.41 -22.18
N CYS A 26 21.08 1.52 -21.54
CA CYS A 26 22.27 2.08 -22.15
C CYS A 26 23.47 1.24 -21.70
N GLY A 27 24.19 0.66 -22.64
CA GLY A 27 25.27 -0.24 -22.27
C GLY A 27 24.70 -1.43 -21.53
N THR A 28 25.27 -1.70 -20.35
CA THR A 28 24.83 -2.78 -19.49
C THR A 28 23.95 -2.29 -18.34
N THR A 29 23.46 -1.05 -18.44
CA THR A 29 22.65 -0.45 -17.38
C THR A 29 21.21 -0.35 -17.84
N THR A 30 20.29 -0.89 -17.03
CA THR A 30 18.87 -0.83 -17.35
C THR A 30 18.14 -0.23 -16.15
N LEU A 31 17.25 0.72 -16.42
CA LEU A 31 16.36 1.24 -15.38
C LEU A 31 15.05 1.65 -16.04
N ASN A 32 14.21 2.36 -15.30
CA ASN A 32 12.87 2.71 -15.77
C ASN A 32 12.84 4.15 -16.29
N GLY A 33 11.92 4.40 -17.23
CA GLY A 33 11.62 5.75 -17.63
C GLY A 33 10.13 6.04 -17.60
N LEU A 34 9.83 7.33 -17.55
CA LEU A 34 8.47 7.84 -17.57
C LEU A 34 8.21 8.46 -18.95
N TRP A 35 7.21 7.92 -19.65
CA TRP A 35 6.91 8.25 -21.05
C TRP A 35 5.64 9.10 -21.07
N LEU A 36 5.80 10.40 -21.29
CA LEU A 36 4.68 11.33 -21.36
C LEU A 36 4.73 12.01 -22.73
N ASP A 37 3.60 11.97 -23.45
CA ASP A 37 3.54 12.47 -24.81
C ASP A 37 4.68 11.82 -25.59
N ASP A 38 5.59 12.58 -26.21
CA ASP A 38 6.67 11.96 -26.97
C ASP A 38 8.03 12.10 -26.28
N VAL A 39 8.05 12.19 -24.96
CA VAL A 39 9.30 12.33 -24.20
C VAL A 39 9.34 11.24 -23.16
N VAL A 40 10.51 10.63 -22.96
CA VAL A 40 10.77 9.69 -21.88
C VAL A 40 11.76 10.32 -20.91
N TYR A 41 11.40 10.38 -19.64
CA TYR A 41 12.25 10.94 -18.59
C TYR A 41 12.85 9.82 -17.77
N CYS A 42 14.14 9.92 -17.49
CA CYS A 42 14.79 8.88 -16.68
C CYS A 42 16.01 9.46 -16.01
N PRO A 43 16.54 8.78 -15.00
CA PRO A 43 17.77 9.25 -14.34
C PRO A 43 18.94 9.23 -15.32
N ARG A 44 19.74 10.29 -15.28
CA ARG A 44 20.86 10.40 -16.22
C ARG A 44 21.95 9.37 -15.96
N HIS A 45 22.03 8.78 -14.76
CA HIS A 45 23.11 7.84 -14.53
C HIS A 45 22.95 6.56 -15.32
N VAL A 46 21.87 6.39 -16.09
CA VAL A 46 21.79 5.26 -17.01
C VAL A 46 22.97 5.30 -17.99
N ILE A 47 23.55 6.48 -18.23
CA ILE A 47 24.63 6.56 -19.24
C ILE A 47 26.00 6.23 -18.68
N CYS A 48 26.10 5.97 -17.38
CA CYS A 48 27.37 5.64 -16.73
C CYS A 48 27.68 4.15 -16.86
N THR A 49 28.97 3.83 -16.85
CA THR A 49 29.44 2.47 -16.68
C THR A 49 29.84 2.29 -15.22
N SER A 50 30.28 1.07 -14.88
CA SER A 50 30.76 0.86 -13.52
C SER A 50 31.93 1.79 -13.19
N GLU A 51 32.81 2.02 -14.16
CA GLU A 51 33.95 2.91 -13.91
C GLU A 51 33.51 4.37 -13.82
N ASP A 52 32.43 4.75 -14.51
CA ASP A 52 32.03 6.16 -14.55
C ASP A 52 31.40 6.62 -13.24
N MET A 53 30.81 5.70 -12.49
CA MET A 53 29.87 6.10 -11.44
C MET A 53 30.53 6.78 -10.25
N LEU A 54 31.85 6.62 -10.07
CA LEU A 54 32.50 7.20 -8.90
C LEU A 54 32.59 8.73 -8.99
N ASN A 55 32.86 9.26 -10.19
CA ASN A 55 32.90 10.71 -10.40
C ASN A 55 32.56 10.98 -11.85
N PRO A 56 31.28 10.91 -12.20
CA PRO A 56 30.87 11.07 -13.60
C PRO A 56 30.80 12.52 -14.03
N ASN A 57 31.45 12.83 -15.15
CA ASN A 57 31.30 14.14 -15.77
C ASN A 57 30.16 13.99 -16.77
N TYR A 58 28.93 14.23 -16.30
CA TYR A 58 27.77 13.87 -17.09
C TYR A 58 27.70 14.59 -18.44
N GLU A 59 27.97 15.89 -18.47
CA GLU A 59 27.95 16.60 -19.75
C GLU A 59 28.96 15.98 -20.72
N ASP A 60 30.10 15.56 -20.21
CA ASP A 60 31.11 14.94 -21.04
C ASP A 60 30.70 13.52 -21.44
N LEU A 61 30.08 12.78 -20.54
CA LEU A 61 29.63 11.43 -20.90
C LEU A 61 28.48 11.48 -21.89
N LEU A 62 27.65 12.53 -21.83
CA LEU A 62 26.47 12.61 -22.68
C LEU A 62 26.81 13.09 -24.09
N ILE A 63 27.84 13.93 -24.23
CA ILE A 63 28.18 14.43 -25.55
C ILE A 63 28.68 13.29 -26.41
N ARG A 64 29.24 12.26 -25.79
CA ARG A 64 29.80 11.11 -26.47
C ARG A 64 28.75 10.05 -26.81
N LYS A 65 27.48 10.27 -26.44
CA LYS A 65 26.38 9.37 -26.77
C LYS A 65 25.59 9.88 -27.96
N SER A 66 24.99 8.95 -28.71
CA SER A 66 24.06 9.28 -29.77
C SER A 66 22.69 8.67 -29.47
N ASN A 67 21.70 9.13 -30.21
CA ASN A 67 20.34 8.64 -30.01
C ASN A 67 20.27 7.12 -30.02
N HIS A 68 21.00 6.47 -30.93
CA HIS A 68 20.85 5.02 -31.06
C HIS A 68 21.50 4.24 -29.93
N ASN A 69 22.24 4.88 -29.04
CA ASN A 69 22.80 4.18 -27.89
C ASN A 69 21.76 3.93 -26.81
N PHE A 70 20.60 4.57 -26.90
CA PHE A 70 19.54 4.44 -25.89
C PHE A 70 18.51 3.48 -26.43
N LEU A 71 18.25 2.39 -25.71
CA LEU A 71 17.20 1.46 -26.06
C LEU A 71 16.02 1.65 -25.11
N VAL A 72 14.87 2.00 -25.67
CA VAL A 72 13.64 2.22 -24.92
C VAL A 72 12.63 1.16 -25.36
N GLN A 73 12.00 0.50 -24.39
CA GLN A 73 11.00 -0.51 -24.69
C GLN A 73 9.74 -0.28 -23.86
N ALA A 74 8.61 -0.20 -24.53
CA ALA A 74 7.28 -0.21 -23.93
C ALA A 74 6.73 -1.62 -24.14
N GLY A 75 6.87 -2.48 -23.14
CA GLY A 75 6.52 -3.87 -23.33
C GLY A 75 7.41 -4.48 -24.40
N ASN A 76 6.79 -5.15 -25.37
CA ASN A 76 7.54 -5.78 -26.46
C ASN A 76 7.97 -4.78 -27.52
N VAL A 77 7.50 -3.53 -27.46
CA VAL A 77 7.68 -2.56 -28.51
C VAL A 77 8.89 -1.68 -28.22
N GLN A 78 9.77 -1.52 -29.20
CA GLN A 78 10.90 -0.63 -29.09
C GLN A 78 10.50 0.74 -29.60
N LEU A 79 10.81 1.78 -28.83
CA LEU A 79 10.57 3.16 -29.23
C LEU A 79 11.86 3.74 -29.78
N ARG A 80 11.78 4.40 -30.93
CA ARG A 80 12.97 5.00 -31.54
C ARG A 80 13.25 6.35 -30.91
N VAL A 81 14.44 6.50 -30.33
CA VAL A 81 14.92 7.76 -29.79
C VAL A 81 15.39 8.67 -30.93
N ILE A 82 14.76 9.84 -31.04
CA ILE A 82 15.06 10.78 -32.12
C ILE A 82 15.68 12.08 -31.58
N GLY A 83 16.10 12.09 -30.33
CA GLY A 83 16.63 13.29 -29.74
C GLY A 83 16.79 13.12 -28.25
N HIS A 84 17.74 13.82 -27.65
CA HIS A 84 18.00 13.64 -26.23
C HIS A 84 18.58 14.93 -25.66
N SER A 85 18.22 15.21 -24.41
CA SER A 85 18.82 16.32 -23.67
C SER A 85 18.77 16.00 -22.18
N MET A 86 19.52 16.78 -21.43
CA MET A 86 19.66 16.61 -19.99
C MET A 86 19.14 17.86 -19.30
N GLN A 87 18.32 17.67 -18.27
CA GLN A 87 17.87 18.75 -17.41
C GLN A 87 18.28 18.34 -16.00
N ASN A 88 19.31 18.99 -15.47
CA ASN A 88 19.88 18.59 -14.18
C ASN A 88 20.14 17.08 -14.18
N CYS A 89 19.59 16.32 -13.21
CA CYS A 89 19.93 14.90 -13.10
C CYS A 89 19.00 13.98 -13.90
N VAL A 90 18.12 14.55 -14.72
CA VAL A 90 17.19 13.78 -15.54
C VAL A 90 17.58 13.89 -17.01
N LEU A 91 17.52 12.75 -17.70
CA LEU A 91 17.63 12.72 -19.16
C LEU A 91 16.23 12.75 -19.76
N LYS A 92 16.09 13.49 -20.85
CA LYS A 92 14.86 13.55 -21.62
C LYS A 92 15.15 12.97 -22.99
N LEU A 93 14.57 11.82 -23.28
CA LEU A 93 14.71 11.16 -24.58
C LEU A 93 13.47 11.42 -25.42
N LYS A 94 13.64 12.10 -26.57
CA LYS A 94 12.54 12.30 -27.48
C LYS A 94 12.41 11.07 -28.35
N VAL A 95 11.17 10.58 -28.52
CA VAL A 95 10.89 9.39 -29.28
C VAL A 95 9.90 9.75 -30.37
N ASP A 96 9.81 8.88 -31.39
CA ASP A 96 8.91 9.15 -32.51
C ASP A 96 7.45 8.84 -32.21
N THR A 97 7.17 8.17 -31.09
CA THR A 97 5.82 7.75 -30.75
C THR A 97 5.29 8.55 -29.58
N ALA A 98 4.06 9.02 -29.68
CA ALA A 98 3.38 9.62 -28.55
C ALA A 98 2.71 8.54 -27.72
N ASN A 99 2.79 8.68 -26.39
CA ASN A 99 2.14 7.71 -25.53
C ASN A 99 0.65 7.97 -25.53
N PRO A 100 -0.17 7.07 -26.10
CA PRO A 100 -1.61 7.30 -26.07
C PRO A 100 -2.20 7.30 -24.67
N LYS A 101 -1.51 6.71 -23.69
CA LYS A 101 -2.02 6.60 -22.33
C LYS A 101 -1.56 7.74 -21.43
N THR A 102 -0.94 8.78 -21.97
CA THR A 102 -0.52 9.92 -21.17
C THR A 102 -1.72 10.53 -20.45
N PRO A 103 -1.68 10.66 -19.12
CA PRO A 103 -2.78 11.33 -18.41
C PRO A 103 -2.56 12.84 -18.43
N LYS A 104 -3.57 13.57 -17.98
CA LYS A 104 -3.35 14.96 -17.61
C LYS A 104 -2.38 15.00 -16.44
N TYR A 105 -1.33 15.81 -16.57
CA TYR A 105 -0.28 15.75 -15.55
C TYR A 105 0.36 17.10 -15.32
N LYS A 106 1.11 17.18 -14.21
CA LYS A 106 1.99 18.31 -13.97
C LYS A 106 3.17 17.82 -13.16
N PHE A 107 4.24 18.61 -13.20
CA PHE A 107 5.45 18.38 -12.44
C PHE A 107 5.41 19.32 -11.25
N VAL A 108 5.54 18.79 -10.04
CA VAL A 108 5.55 19.61 -8.85
C VAL A 108 6.77 19.26 -8.01
N ARG A 109 7.25 20.24 -7.26
CA ARG A 109 8.26 19.98 -6.24
C ARG A 109 7.55 19.95 -4.91
N ILE A 110 7.68 18.84 -4.19
CA ILE A 110 6.90 18.63 -2.98
C ILE A 110 7.65 19.23 -1.79
N GLN A 111 6.87 19.68 -0.80
CA GLN A 111 7.40 20.22 0.45
C GLN A 111 7.69 19.10 1.43
N PRO A 112 8.74 19.24 2.25
CA PRO A 112 8.98 18.25 3.30
C PRO A 112 7.77 18.17 4.22
N GLY A 113 7.47 16.95 4.64
CA GLY A 113 6.26 16.68 5.41
C GLY A 113 5.06 16.27 4.57
N GLN A 114 5.09 16.51 3.27
CA GLN A 114 4.01 16.08 2.40
C GLN A 114 4.23 14.64 1.95
N THR A 115 3.14 13.99 1.56
CA THR A 115 3.17 12.58 1.20
C THR A 115 2.91 12.43 -0.30
N PHE A 116 3.31 11.26 -0.80
CA PHE A 116 3.03 10.92 -2.18
C PHE A 116 3.06 9.41 -2.29
N SER A 117 2.50 8.92 -3.39
CA SER A 117 2.52 7.51 -3.70
C SER A 117 3.71 7.20 -4.59
N VAL A 118 4.33 6.05 -4.34
CA VAL A 118 5.45 5.57 -5.13
C VAL A 118 4.99 4.36 -5.93
N LEU A 119 5.30 4.33 -7.21
CA LEU A 119 5.08 3.14 -8.03
C LEU A 119 6.46 2.55 -8.31
N ALA A 120 6.80 1.53 -7.55
CA ALA A 120 8.08 0.86 -7.71
C ALA A 120 8.03 -0.03 -8.95
N CYS A 121 9.02 0.15 -9.83
CA CYS A 121 9.10 -0.56 -11.11
C CYS A 121 10.47 -1.20 -11.27
N TYR A 122 10.48 -2.31 -12.02
CA TYR A 122 11.71 -3.00 -12.40
C TYR A 122 11.61 -3.38 -13.88
N ASN A 123 12.64 -3.04 -14.65
CA ASN A 123 12.66 -3.35 -16.07
C ASN A 123 11.43 -2.82 -16.79
N GLY A 124 11.02 -1.61 -16.41
CA GLY A 124 9.87 -1.00 -17.02
C GLY A 124 8.52 -1.55 -16.58
N SER A 125 8.50 -2.50 -15.65
CA SER A 125 7.26 -3.15 -15.26
CA SER A 125 7.26 -3.18 -15.25
C SER A 125 6.86 -2.78 -13.84
N PRO A 126 5.65 -2.24 -13.63
CA PRO A 126 5.21 -1.91 -12.26
C PRO A 126 5.21 -3.13 -11.35
N SER A 127 5.76 -2.94 -10.16
CA SER A 127 5.92 -3.99 -9.17
C SER A 127 5.11 -3.79 -7.90
N GLY A 128 5.00 -2.56 -7.40
CA GLY A 128 4.29 -2.32 -6.16
C GLY A 128 4.00 -0.83 -5.99
N VAL A 129 3.10 -0.54 -5.06
CA VAL A 129 2.72 0.85 -4.81
CA VAL A 129 2.67 0.84 -4.81
C VAL A 129 2.57 1.06 -3.31
N TYR A 130 3.03 2.21 -2.86
CA TYR A 130 2.99 2.50 -1.44
C TYR A 130 3.19 3.99 -1.25
N GLN A 131 2.83 4.43 -0.06
CA GLN A 131 2.85 5.83 0.34
C GLN A 131 4.17 6.15 1.04
N CYS A 132 4.73 7.32 0.71
CA CYS A 132 5.95 7.83 1.32
C CYS A 132 5.70 9.28 1.73
N ALA A 133 6.48 9.75 2.69
CA ALA A 133 6.53 11.17 2.99
C ALA A 133 7.91 11.69 2.60
N MET A 134 7.95 12.92 2.11
CA MET A 134 9.23 13.61 1.97
C MET A 134 9.69 14.03 3.36
N ARG A 135 10.76 13.39 3.87
CA ARG A 135 11.24 13.67 5.22
C ARG A 135 11.76 15.11 5.33
N PRO A 136 11.82 15.65 6.55
CA PRO A 136 12.45 16.96 6.74
C PRO A 136 13.88 17.01 6.26
N ASN A 137 14.63 15.91 6.38
CA ASN A 137 16.00 15.86 5.88
C ASN A 137 16.06 15.42 4.41
N PHE A 138 14.92 15.40 3.72
CA PHE A 138 14.81 15.23 2.27
C PHE A 138 15.21 13.84 1.80
N THR A 139 15.17 12.87 2.69
CA THR A 139 15.17 11.48 2.30
C THR A 139 13.73 10.95 2.28
N ILE A 140 13.57 9.74 1.76
CA ILE A 140 12.31 9.01 1.88
C ILE A 140 12.60 7.59 2.33
N LYS A 141 11.72 7.05 3.15
CA LYS A 141 11.85 5.68 3.65
C LYS A 141 11.04 4.82 2.70
N GLY A 142 11.70 4.39 1.63
CA GLY A 142 11.06 3.62 0.60
C GLY A 142 11.47 2.17 0.63
N SER A 143 11.00 1.46 -0.38
CA SER A 143 11.33 0.06 -0.64
C SER A 143 11.76 0.04 -2.11
N PHE A 144 13.08 0.04 -2.30
CA PHE A 144 13.68 0.16 -3.62
C PHE A 144 14.87 -0.80 -3.68
N LEU A 145 14.88 -1.66 -4.67
CA LEU A 145 15.97 -2.60 -4.91
C LEU A 145 16.75 -2.22 -6.18
N ASN A 146 17.79 -3.00 -6.48
CA ASN A 146 18.50 -2.80 -7.73
C ASN A 146 17.52 -2.77 -8.91
N GLY A 147 17.73 -1.80 -9.80
CA GLY A 147 16.91 -1.67 -10.99
C GLY A 147 15.66 -0.84 -10.79
N SER A 148 15.46 -0.26 -9.61
CA SER A 148 14.25 0.52 -9.34
C SER A 148 14.37 1.97 -9.78
N CYS A 149 15.55 2.44 -10.18
CA CYS A 149 15.73 3.83 -10.56
C CYS A 149 14.80 4.21 -11.72
N GLY A 150 14.32 5.43 -11.68
CA GLY A 150 13.32 5.90 -12.60
C GLY A 150 11.89 5.66 -12.15
N SER A 151 11.67 4.81 -11.14
CA SER A 151 10.38 4.75 -10.46
C SER A 151 10.00 6.15 -9.99
N VAL A 152 8.70 6.48 -10.03
CA VAL A 152 8.27 7.84 -9.74
C VAL A 152 7.30 7.84 -8.56
N GLY A 153 7.22 9.02 -7.93
CA GLY A 153 6.24 9.29 -6.88
C GLY A 153 5.28 10.37 -7.39
N PHE A 154 4.04 10.30 -6.92
CA PHE A 154 3.00 11.15 -7.49
C PHE A 154 1.83 11.27 -6.54
N ASN A 155 1.02 12.28 -6.80
CA ASN A 155 -0.29 12.46 -6.21
C ASN A 155 -1.29 12.61 -7.35
N ILE A 156 -2.56 12.38 -7.04
CA ILE A 156 -3.63 12.47 -8.02
C ILE A 156 -4.72 13.36 -7.48
N ASP A 157 -5.16 14.32 -8.29
CA ASP A 157 -6.16 15.31 -7.90
C ASP A 157 -7.08 15.47 -9.09
N TYR A 158 -8.30 14.93 -8.98
CA TYR A 158 -9.30 15.05 -10.03
C TYR A 158 -8.69 14.73 -11.40
N ASP A 159 -8.29 13.48 -11.59
CA ASP A 159 -7.75 12.96 -12.85
C ASP A 159 -6.41 13.58 -13.27
N CYS A 160 -5.87 14.55 -12.52
CA CYS A 160 -4.57 15.13 -12.83
C CYS A 160 -3.49 14.47 -11.98
N VAL A 161 -2.46 13.95 -12.64
CA VAL A 161 -1.34 13.31 -11.95
C VAL A 161 -0.25 14.36 -11.77
N SER A 162 0.10 14.62 -10.51
CA SER A 162 1.19 15.54 -10.17
C SER A 162 2.40 14.69 -9.80
N PHE A 163 3.39 14.68 -10.68
CA PHE A 163 4.62 13.92 -10.45
C PHE A 163 5.56 14.77 -9.61
N CYS A 164 6.09 14.18 -8.53
CA CYS A 164 6.95 14.93 -7.63
C CYS A 164 8.28 14.27 -7.34
N TYR A 165 8.50 13.03 -7.76
CA TYR A 165 9.69 12.30 -7.33
C TYR A 165 10.09 11.31 -8.41
N MET A 166 11.39 11.22 -8.67
CA MET A 166 11.95 10.14 -9.46
C MET A 166 13.13 9.57 -8.68
N HIS A 167 13.24 8.25 -8.66
CA HIS A 167 14.16 7.58 -7.76
C HIS A 167 15.56 7.44 -8.35
N HIS A 168 16.59 7.77 -7.53
CA HIS A 168 17.98 7.67 -8.00
C HIS A 168 18.92 6.83 -7.12
N MET A 169 18.72 6.75 -5.79
CA MET A 169 19.73 6.06 -5.01
C MET A 169 19.25 5.66 -3.63
N GLU A 170 20.06 4.80 -2.99
CA GLU A 170 19.91 4.39 -1.61
C GLU A 170 21.12 4.86 -0.83
N LEU A 171 20.90 5.31 0.33
CA LEU A 171 21.97 5.69 1.26
C LEU A 171 22.34 4.52 2.15
N PRO A 172 23.55 4.54 2.72
CA PRO A 172 23.97 3.43 3.58
C PRO A 172 23.04 3.09 4.73
N THR A 173 22.28 4.06 5.26
CA THR A 173 21.33 3.81 6.33
C THR A 173 20.08 3.09 5.86
N GLY A 174 19.93 2.85 4.56
CA GLY A 174 18.76 2.18 4.02
C GLY A 174 17.64 3.09 3.57
N VAL A 175 17.77 4.41 3.71
CA VAL A 175 16.76 5.34 3.21
C VAL A 175 17.15 5.69 1.77
N HIS A 176 16.32 6.50 1.10
CA HIS A 176 16.41 6.71 -0.33
C HIS A 176 16.41 8.17 -0.70
N ALA A 177 16.98 8.47 -1.87
CA ALA A 177 17.09 9.84 -2.33
C ALA A 177 16.84 9.94 -3.83
N GLY A 178 16.33 11.08 -4.24
CA GLY A 178 15.98 11.26 -5.63
C GLY A 178 15.66 12.71 -5.94
N THR A 179 15.06 12.91 -7.11
CA THR A 179 14.88 14.24 -7.68
C THR A 179 13.40 14.51 -7.94
N ASP A 180 13.10 15.78 -8.16
CA ASP A 180 11.84 16.11 -8.79
C ASP A 180 11.97 15.85 -10.30
N LEU A 181 10.91 16.15 -11.05
CA LEU A 181 10.93 15.79 -12.47
C LEU A 181 11.63 16.83 -13.31
N GLU A 182 12.14 17.91 -12.70
CA GLU A 182 13.13 18.79 -13.32
C GLU A 182 14.55 18.29 -13.07
N GLY A 183 14.71 17.21 -12.33
CA GLY A 183 16.03 16.65 -12.16
C GLY A 183 16.83 17.23 -11.01
N ASN A 184 16.21 18.06 -10.18
CA ASN A 184 16.90 18.58 -9.01
C ASN A 184 16.66 17.69 -7.79
N PHE A 185 17.75 17.31 -7.15
CA PHE A 185 17.62 16.47 -5.95
C PHE A 185 16.82 17.16 -4.87
N TYR A 186 16.07 16.35 -4.13
CA TYR A 186 15.67 16.71 -2.79
C TYR A 186 16.84 16.41 -1.86
N GLY A 187 17.31 17.41 -1.16
CA GLY A 187 18.38 17.21 -0.23
C GLY A 187 19.76 17.43 -0.80
N PRO A 188 20.76 17.28 0.06
CA PRO A 188 22.14 17.55 -0.33
C PRO A 188 22.83 16.38 -1.03
N PHE A 189 22.12 15.62 -1.82
CA PHE A 189 22.69 14.40 -2.38
C PHE A 189 23.12 14.63 -3.81
N VAL A 190 23.93 13.71 -4.31
CA VAL A 190 24.53 13.79 -5.64
C VAL A 190 24.46 12.42 -6.29
N ASP A 191 24.20 12.37 -7.59
CA ASP A 191 24.10 11.10 -8.30
C ASP A 191 25.51 10.64 -8.71
N ARG A 192 26.24 10.20 -7.69
CA ARG A 192 27.53 9.52 -7.87
C ARG A 192 27.57 8.36 -6.89
N GLN A 193 28.37 7.34 -7.21
CA GLN A 193 28.41 6.08 -6.45
C GLN A 193 29.31 6.26 -5.24
N THR A 194 28.82 6.98 -4.23
CA THR A 194 29.54 7.22 -2.99
C THR A 194 28.58 7.09 -1.81
N ALA A 195 29.15 6.77 -0.64
CA ALA A 195 28.37 6.68 0.58
C ALA A 195 28.05 8.09 1.06
N GLN A 196 26.76 8.41 1.09
CA GLN A 196 26.28 9.73 1.48
C GLN A 196 25.36 9.62 2.69
N ALA A 197 25.59 10.50 3.65
CA ALA A 197 24.78 10.63 4.85
C ALA A 197 23.86 11.84 4.70
N ALA A 198 22.70 11.74 5.32
CA ALA A 198 21.75 12.84 5.35
C ALA A 198 21.94 13.67 6.60
N GLY A 199 21.34 14.85 6.61
CA GLY A 199 21.25 15.60 7.84
C GLY A 199 20.40 14.85 8.85
N THR A 200 20.43 15.33 10.09
CA THR A 200 19.70 14.64 11.15
C THR A 200 18.22 14.70 10.85
N ASP A 201 17.56 13.56 10.92
CA ASP A 201 16.16 13.55 10.57
C ASP A 201 15.33 13.91 11.78
N THR A 202 14.33 14.73 11.53
CA THR A 202 13.39 15.16 12.54
C THR A 202 12.02 14.59 12.23
N THR A 203 11.16 14.60 13.23
CA THR A 203 9.82 14.04 13.10
C THR A 203 8.83 15.11 12.68
N ILE A 204 7.91 14.74 11.79
CA ILE A 204 6.94 15.67 11.21
C ILE A 204 5.79 15.81 12.19
N THR A 205 5.84 16.85 13.02
CA THR A 205 4.93 17.00 14.16
C THR A 205 3.48 17.15 13.74
N VAL A 206 3.20 17.96 12.72
CA VAL A 206 1.80 18.15 12.31
C VAL A 206 1.20 16.81 11.89
N ASN A 207 2.00 15.93 11.30
CA ASN A 207 1.51 14.63 10.89
C ASN A 207 1.29 13.70 12.09
N VAL A 208 2.19 13.74 13.08
CA VAL A 208 1.96 12.96 14.30
C VAL A 208 0.66 13.39 14.95
N LEU A 209 0.41 14.69 14.99
CA LEU A 209 -0.84 15.17 15.58
C LEU A 209 -2.04 14.66 14.78
N ALA A 210 -1.98 14.76 13.46
CA ALA A 210 -3.08 14.25 12.62
C ALA A 210 -3.34 12.78 12.93
N TRP A 211 -2.29 12.00 13.09
CA TRP A 211 -2.44 10.57 13.34
C TRP A 211 -3.00 10.29 14.72
N LEU A 212 -2.63 11.10 15.73
CA LEU A 212 -3.29 10.96 17.04
C LEU A 212 -4.77 11.24 16.93
N TYR A 213 -5.16 12.27 16.18
CA TYR A 213 -6.57 12.53 15.96
C TYR A 213 -7.25 11.35 15.26
N ALA A 214 -6.53 10.69 14.34
CA ALA A 214 -7.12 9.52 13.71
C ALA A 214 -7.26 8.38 14.71
N ALA A 215 -6.32 8.26 15.64
CA ALA A 215 -6.42 7.21 16.66
C ALA A 215 -7.59 7.47 17.59
N VAL A 216 -7.94 8.74 17.79
CA VAL A 216 -9.07 9.09 18.64
C VAL A 216 -10.38 8.82 17.90
N ILE A 217 -10.49 9.28 16.65
CA ILE A 217 -11.67 8.99 15.85
C ILE A 217 -12.00 7.51 15.89
N ASN A 218 -11.00 6.66 15.63
CA ASN A 218 -11.20 5.22 15.63
C ASN A 218 -11.21 4.60 17.05
N GLY A 219 -11.39 5.41 18.09
CA GLY A 219 -11.70 4.91 19.42
C GLY A 219 -10.55 4.73 20.39
N ASP A 220 -9.34 5.17 20.04
CA ASP A 220 -8.16 4.99 20.88
C ASP A 220 -7.88 6.31 21.60
N ARG A 221 -7.92 6.29 22.95
CA ARG A 221 -7.86 7.52 23.74
C ARG A 221 -6.92 7.46 24.94
N TRP A 222 -6.20 6.35 25.15
CA TRP A 222 -5.45 6.20 26.39
C TRP A 222 -4.42 7.30 26.60
N PHE A 223 -3.95 7.94 25.52
CA PHE A 223 -2.88 8.93 25.59
C PHE A 223 -3.37 10.33 25.94
N LEU A 224 -4.65 10.64 25.71
CA LEU A 224 -5.19 11.97 25.96
C LEU A 224 -5.06 12.36 27.44
N ASN A 225 -5.19 13.66 27.71
CA ASN A 225 -5.12 14.17 29.07
C ASN A 225 -5.98 15.42 29.19
N ARG A 226 -6.25 15.81 30.43
CA ARG A 226 -7.03 17.00 30.73
C ARG A 226 -6.22 18.29 30.61
N PHE A 227 -4.91 18.19 30.40
CA PHE A 227 -3.98 19.31 30.41
C PHE A 227 -3.94 20.04 29.06
N THR A 228 -3.24 21.16 29.06
CA THR A 228 -3.06 21.96 27.85
C THR A 228 -1.68 22.62 27.87
N THR A 229 -1.37 23.34 26.81
CA THR A 229 -0.04 23.92 26.62
C THR A 229 -0.16 25.08 25.65
N THR A 230 0.77 26.01 25.77
CA THR A 230 0.87 27.05 24.76
C THR A 230 1.64 26.53 23.54
N LEU A 231 1.43 27.21 22.42
CA LEU A 231 2.15 26.82 21.21
C LEU A 231 3.65 26.88 21.42
N ASN A 232 4.15 27.98 21.97
CA ASN A 232 5.60 28.12 22.08
C ASN A 232 6.17 27.10 23.05
N ASP A 233 5.48 26.85 24.16
CA ASP A 233 5.97 25.88 25.13
C ASP A 233 5.97 24.47 24.57
N PHE A 234 4.95 24.10 23.79
CA PHE A 234 5.00 22.82 23.09
C PHE A 234 6.20 22.78 22.15
N ASN A 235 6.41 23.86 21.39
CA ASN A 235 7.49 23.85 20.41
C ASN A 235 8.86 23.76 21.06
N LEU A 236 9.01 24.28 22.28
CA LEU A 236 10.27 24.10 22.99
C LEU A 236 10.52 22.63 23.27
N VAL A 237 9.48 21.90 23.67
CA VAL A 237 9.65 20.48 23.97
C VAL A 237 9.86 19.70 22.68
N ALA A 238 9.09 20.02 21.64
CA ALA A 238 9.27 19.36 20.34
C ALA A 238 10.70 19.49 19.82
N MET A 239 11.27 20.69 19.87
CA MET A 239 12.62 20.89 19.36
C MET A 239 13.61 20.09 20.19
N LYS A 240 13.35 19.96 21.49
CA LYS A 240 14.24 19.18 22.34
C LYS A 240 14.30 17.72 21.89
N TYR A 241 13.20 17.20 21.34
CA TYR A 241 13.07 15.81 20.96
C TYR A 241 13.22 15.61 19.45
N ASN A 242 13.79 16.61 18.77
CA ASN A 242 14.02 16.57 17.33
C ASN A 242 12.70 16.36 16.58
N TYR A 243 11.66 17.06 17.03
CA TYR A 243 10.43 17.22 16.28
C TYR A 243 10.43 18.60 15.61
N GLU A 244 9.87 18.67 14.40
CA GLU A 244 9.71 19.96 13.72
C GLU A 244 8.83 20.88 14.55
N PRO A 245 9.04 22.19 14.49
CA PRO A 245 8.13 23.09 15.19
C PRO A 245 6.78 23.11 14.51
N LEU A 246 5.75 23.36 15.31
CA LEU A 246 4.38 23.50 14.81
C LEU A 246 4.11 24.97 14.56
N THR A 247 3.63 25.29 13.35
CA THR A 247 3.29 26.66 12.98
C THR A 247 1.80 26.90 13.19
N GLN A 248 1.42 28.19 13.18
CA GLN A 248 0.00 28.52 13.25
C GLN A 248 -0.77 27.95 12.07
N ASP A 249 -0.17 27.94 10.88
CA ASP A 249 -0.83 27.31 9.74
C ASP A 249 -1.06 25.83 10.00
N HIS A 250 -0.10 25.13 10.62
CA HIS A 250 -0.33 23.75 11.01
C HIS A 250 -1.55 23.64 11.92
N VAL A 251 -1.65 24.53 12.91
CA VAL A 251 -2.80 24.52 13.81
C VAL A 251 -4.08 24.72 12.99
N ASP A 252 -4.06 25.73 12.12
CA ASP A 252 -5.20 25.98 11.24
C ASP A 252 -5.54 24.75 10.41
N ILE A 253 -4.52 24.17 9.78
CA ILE A 253 -4.71 22.99 8.95
C ILE A 253 -5.38 21.88 9.73
N LEU A 254 -5.04 21.76 11.02
CA LEU A 254 -5.61 20.74 11.87
C LEU A 254 -7.00 21.09 12.37
N GLY A 255 -7.53 22.26 11.99
CA GLY A 255 -8.82 22.71 12.46
C GLY A 255 -9.91 21.68 12.27
N PRO A 256 -10.14 21.26 11.02
CA PRO A 256 -11.23 20.31 10.76
C PRO A 256 -11.18 19.09 11.67
N LEU A 257 -9.98 18.54 11.90
CA LEU A 257 -9.87 17.38 12.77
C LEU A 257 -10.18 17.73 14.23
N SER A 258 -9.79 18.93 14.67
CA SER A 258 -10.10 19.31 16.04
C SER A 258 -11.60 19.45 16.24
N ALA A 259 -12.26 20.13 15.30
CA ALA A 259 -13.71 20.29 15.39
C ALA A 259 -14.40 18.95 15.43
N GLN A 260 -14.03 18.05 14.52
CA GLN A 260 -14.72 16.76 14.41
C GLN A 260 -14.65 15.99 15.73
N THR A 261 -13.53 16.09 16.45
CA THR A 261 -13.35 15.37 17.70
C THR A 261 -13.55 16.24 18.93
N GLY A 262 -13.74 17.55 18.75
CA GLY A 262 -13.87 18.44 19.89
C GLY A 262 -12.65 18.45 20.78
N ILE A 263 -11.47 18.31 20.20
CA ILE A 263 -10.21 18.36 20.95
C ILE A 263 -9.39 19.50 20.38
N ALA A 264 -9.17 20.53 21.19
CA ALA A 264 -8.36 21.65 20.76
C ALA A 264 -6.99 21.14 20.33
N VAL A 265 -6.47 21.74 19.25
CA VAL A 265 -5.13 21.38 18.78
C VAL A 265 -4.14 21.42 19.94
N LEU A 266 -4.13 22.51 20.70
CA LEU A 266 -3.16 22.63 21.78
C LEU A 266 -3.40 21.62 22.91
N ASP A 267 -4.63 21.11 23.06
CA ASP A 267 -4.83 20.00 23.98
C ASP A 267 -4.18 18.72 23.43
N MET A 268 -4.30 18.48 22.13
CA MET A 268 -3.59 17.35 21.54
C MET A 268 -2.07 17.55 21.61
N CYS A 269 -1.60 18.80 21.50
CA CYS A 269 -0.17 19.04 21.70
C CYS A 269 0.28 18.66 23.11
N ALA A 270 -0.54 18.94 24.12
CA ALA A 270 -0.17 18.57 25.47
C ALA A 270 -0.10 17.05 25.63
N SER A 271 -0.99 16.33 24.94
CA SER A 271 -0.94 14.87 24.94
C SER A 271 0.35 14.38 24.29
N LEU A 272 0.70 14.93 23.14
CA LEU A 272 1.93 14.51 22.49
C LEU A 272 3.15 14.83 23.35
N LYS A 273 3.13 15.99 24.03
CA LYS A 273 4.21 16.33 24.94
C LYS A 273 4.39 15.25 26.00
N GLU A 274 3.27 14.78 26.57
CA GLU A 274 3.33 13.72 27.57
C GLU A 274 3.94 12.45 26.98
N LEU A 275 3.50 12.09 25.77
CA LEU A 275 4.07 10.93 25.10
C LEU A 275 5.58 11.07 24.88
N LEU A 276 6.03 12.25 24.44
CA LEU A 276 7.45 12.44 24.20
C LEU A 276 8.26 12.34 25.49
N GLN A 277 7.73 12.90 26.58
CA GLN A 277 8.48 12.95 27.81
C GLN A 277 8.45 11.62 28.55
N ASN A 278 7.34 10.90 28.47
CA ASN A 278 7.22 9.60 29.14
C ASN A 278 7.44 8.47 28.15
N GLY A 279 6.47 8.24 27.27
CA GLY A 279 6.56 7.20 26.27
C GLY A 279 5.23 6.51 26.12
N MET A 280 5.26 5.34 25.48
CA MET A 280 4.05 4.56 25.31
C MET A 280 3.69 3.76 26.54
N ASN A 281 4.65 3.48 27.43
CA ASN A 281 4.44 2.59 28.57
C ASN A 281 4.21 1.16 28.08
N GLY A 282 4.89 0.81 27.00
CA GLY A 282 4.71 -0.48 26.36
C GLY A 282 3.44 -0.63 25.56
N ARG A 283 2.60 0.40 25.51
CA ARG A 283 1.32 0.32 24.82
C ARG A 283 1.49 0.66 23.34
N THR A 284 0.37 0.73 22.61
CA THR A 284 0.39 0.98 21.18
C THR A 284 -0.75 1.92 20.81
N ILE A 285 -0.61 2.54 19.64
CA ILE A 285 -1.60 3.46 19.10
C ILE A 285 -1.86 3.05 17.66
N LEU A 286 -3.12 2.75 17.34
CA LEU A 286 -3.50 2.26 16.02
C LEU A 286 -2.63 1.08 15.57
N GLY A 287 -2.19 0.26 16.54
CA GLY A 287 -1.36 -0.89 16.27
C GLY A 287 0.13 -0.64 16.42
N SER A 288 0.57 0.61 16.38
CA SER A 288 1.98 0.93 16.34
C SER A 288 2.54 1.17 17.73
N ALA A 289 3.76 0.66 17.96
CA ALA A 289 4.54 1.00 19.14
C ALA A 289 5.35 2.28 18.98
N LEU A 290 5.29 2.92 17.82
CA LEU A 290 6.00 4.17 17.58
C LEU A 290 5.01 5.22 17.10
N LEU A 291 5.34 6.49 17.33
CA LEU A 291 4.52 7.58 16.83
C LEU A 291 4.72 7.72 15.32
N GLU A 292 3.63 7.64 14.58
CA GLU A 292 3.64 7.69 13.11
C GLU A 292 3.56 9.12 12.61
N ASP A 293 4.47 9.49 11.68
CA ASP A 293 4.51 10.87 11.20
C ASP A 293 4.42 10.98 9.68
N GLU A 294 3.94 9.94 8.98
CA GLU A 294 3.80 10.00 7.52
C GLU A 294 2.34 9.96 7.06
N PHE A 295 1.40 10.43 7.91
CA PHE A 295 0.04 10.80 7.52
C PHE A 295 -0.12 12.31 7.65
N THR A 296 -0.51 12.97 6.58
CA THR A 296 -0.80 14.39 6.65
C THR A 296 -2.22 14.61 7.20
N PRO A 297 -2.52 15.83 7.63
CA PRO A 297 -3.92 16.14 7.95
C PRO A 297 -4.88 15.79 6.82
N PHE A 298 -4.55 16.18 5.58
CA PHE A 298 -5.40 15.87 4.43
C PHE A 298 -5.59 14.36 4.28
N ASP A 299 -4.48 13.61 4.34
CA ASP A 299 -4.56 12.15 4.28
C ASP A 299 -5.58 11.62 5.27
N VAL A 300 -5.50 12.08 6.53
CA VAL A 300 -6.42 11.58 7.55
C VAL A 300 -7.85 11.98 7.24
N VAL A 301 -8.06 13.25 6.86
CA VAL A 301 -9.42 13.74 6.65
C VAL A 301 -10.14 12.89 5.60
N ARG A 302 -9.44 12.54 4.52
CA ARG A 302 -10.03 11.76 3.44
C ARG A 302 -10.22 10.30 3.83
N GLN A 303 -10.59 10.05 5.10
CA GLN A 303 -10.75 8.72 5.65
C GLN A 303 -11.51 8.77 6.97
N CYS A 304 -11.45 9.90 7.65
CA CYS A 304 -11.97 10.05 9.01
C CYS A 304 -11.04 9.36 10.02
N GLY B 6 12.80 -2.25 8.14
CA GLY B 6 12.86 -1.66 6.81
C GLY B 6 11.84 -2.21 5.81
N PHE B 7 10.67 -2.61 6.28
CA PHE B 7 9.65 -3.24 5.44
C PHE B 7 8.43 -2.34 5.31
N ARG B 8 7.95 -2.17 4.08
CA ARG B 8 6.73 -1.44 3.77
C ARG B 8 5.60 -2.42 3.46
N LYS B 9 4.40 -2.16 3.97
CA LYS B 9 3.21 -2.78 3.37
C LYS B 9 3.05 -2.20 1.98
N MET B 10 3.21 -3.02 0.95
CA MET B 10 3.13 -2.53 -0.41
C MET B 10 2.06 -3.29 -1.19
N ALA B 11 1.21 -2.56 -1.86
CA ALA B 11 0.13 -3.15 -2.64
C ALA B 11 0.64 -3.52 -4.03
N PHE B 12 -0.17 -4.30 -4.72
CA PHE B 12 0.11 -4.47 -6.14
C PHE B 12 -0.35 -3.26 -6.91
N PRO B 13 0.29 -2.97 -8.05
CA PRO B 13 -0.22 -1.91 -8.93
C PRO B 13 -1.66 -2.23 -9.29
N SER B 14 -2.51 -1.22 -9.20
CA SER B 14 -3.94 -1.42 -9.25
C SER B 14 -4.55 -1.23 -10.64
N GLY B 15 -3.75 -0.85 -11.64
CA GLY B 15 -4.34 -0.45 -12.90
C GLY B 15 -5.18 -1.52 -13.58
N LYS B 16 -4.73 -2.78 -13.53
CA LYS B 16 -5.49 -3.84 -14.19
C LYS B 16 -6.86 -4.04 -13.53
N VAL B 17 -6.99 -3.68 -12.25
CA VAL B 17 -8.28 -3.77 -11.56
C VAL B 17 -9.10 -2.50 -11.73
N GLU B 18 -8.45 -1.33 -11.75
CA GLU B 18 -9.15 -0.07 -12.03
C GLU B 18 -9.95 -0.19 -13.33
N GLY B 19 -9.38 -0.87 -14.32
CA GLY B 19 -10.02 -1.01 -15.60
C GLY B 19 -11.23 -1.91 -15.62
N CYS B 20 -11.55 -2.53 -14.47
CA CYS B 20 -12.69 -3.42 -14.33
C CYS B 20 -13.75 -2.87 -13.40
N MET B 21 -13.54 -1.71 -12.78
CA MET B 21 -14.51 -1.25 -11.79
C MET B 21 -15.64 -0.50 -12.47
N VAL B 22 -16.87 -0.81 -12.06
CA VAL B 22 -18.06 -0.09 -12.50
C VAL B 22 -18.94 0.17 -11.28
N GLN B 23 -20.04 0.90 -11.50
CA GLN B 23 -21.03 1.06 -10.45
C GLN B 23 -22.32 0.37 -10.86
N VAL B 24 -23.06 -0.08 -9.84
CA VAL B 24 -24.32 -0.80 -10.02
C VAL B 24 -25.33 -0.15 -9.11
N THR B 25 -26.47 0.26 -9.65
CA THR B 25 -27.47 0.94 -8.86
C THR B 25 -28.80 0.24 -9.02
N CYS B 26 -29.45 0.02 -7.88
CA CYS B 26 -30.85 -0.39 -7.80
C CYS B 26 -31.57 0.68 -6.99
N GLY B 27 -32.58 1.31 -7.59
CA GLY B 27 -33.24 2.41 -6.92
C GLY B 27 -32.30 3.55 -6.58
N THR B 28 -32.08 3.78 -5.29
CA THR B 28 -31.12 4.77 -4.83
C THR B 28 -29.87 4.15 -4.23
N THR B 29 -29.75 2.82 -4.24
CA THR B 29 -28.62 2.11 -3.65
C THR B 29 -27.58 1.85 -4.72
N THR B 30 -26.39 2.43 -4.55
CA THR B 30 -25.31 2.32 -5.52
C THR B 30 -24.13 1.67 -4.80
N LEU B 31 -23.60 0.61 -5.38
CA LEU B 31 -22.32 0.11 -4.90
C LEU B 31 -21.44 -0.14 -6.11
N ASN B 32 -20.30 -0.78 -5.92
CA ASN B 32 -19.35 -1.03 -7.00
C ASN B 32 -19.54 -2.45 -7.53
N GLY B 33 -19.16 -2.63 -8.79
CA GLY B 33 -19.13 -3.95 -9.40
C GLY B 33 -17.84 -4.18 -10.18
N LEU B 34 -17.61 -5.45 -10.50
CA LEU B 34 -16.40 -5.91 -11.16
C LEU B 34 -16.79 -6.43 -12.54
N TRP B 35 -16.30 -5.79 -13.59
CA TRP B 35 -16.72 -6.07 -14.97
C TRP B 35 -15.61 -6.86 -15.64
N LEU B 36 -15.85 -8.16 -15.88
CA LEU B 36 -14.87 -9.03 -16.51
C LEU B 36 -15.55 -9.73 -17.66
N ASP B 37 -14.97 -9.62 -18.85
CA ASP B 37 -15.62 -10.12 -20.07
C ASP B 37 -17.00 -9.46 -20.10
N ASP B 38 -18.10 -10.20 -20.30
CA ASP B 38 -19.43 -9.61 -20.37
C ASP B 38 -20.26 -9.89 -19.13
N VAL B 39 -19.61 -10.00 -17.96
CA VAL B 39 -20.34 -10.20 -16.71
C VAL B 39 -19.88 -9.13 -15.73
N VAL B 40 -20.82 -8.59 -14.97
CA VAL B 40 -20.55 -7.69 -13.85
C VAL B 40 -20.93 -8.41 -12.57
N TYR B 41 -19.98 -8.45 -11.63
CA TYR B 41 -20.15 -9.12 -10.35
C TYR B 41 -20.29 -8.08 -9.25
N CYS B 42 -21.24 -8.26 -8.32
CA CYS B 42 -21.42 -7.26 -7.28
C CYS B 42 -22.13 -7.90 -6.09
N PRO B 43 -22.12 -7.25 -4.93
CA PRO B 43 -22.86 -7.78 -3.77
C PRO B 43 -24.36 -7.81 -4.06
N ARG B 44 -25.00 -8.92 -3.71
CA ARG B 44 -26.44 -9.03 -3.96
C ARG B 44 -27.23 -8.03 -3.13
N HIS B 45 -26.69 -7.49 -2.05
CA HIS B 45 -27.53 -6.58 -1.28
C HIS B 45 -27.78 -5.25 -1.96
N VAL B 46 -27.26 -5.03 -3.18
CA VAL B 46 -27.65 -3.86 -3.93
C VAL B 46 -29.16 -3.85 -4.17
N ILE B 47 -29.79 -5.02 -4.18
CA ILE B 47 -31.23 -5.10 -4.45
C ILE B 47 -32.07 -4.81 -3.20
N CYS B 48 -31.44 -4.54 -2.06
CA CYS B 48 -32.16 -4.26 -0.82
C CYS B 48 -32.47 -2.78 -0.68
N THR B 49 -33.64 -2.50 -0.14
CA THR B 49 -33.91 -1.19 0.45
C THR B 49 -33.51 -1.22 1.92
N SER B 50 -33.52 -0.04 2.55
CA SER B 50 -33.18 0.04 3.97
C SER B 50 -34.01 -0.94 4.80
N GLU B 51 -35.30 -1.05 4.50
CA GLU B 51 -36.19 -1.92 5.27
C GLU B 51 -35.98 -3.40 4.95
N ASP B 52 -35.37 -3.70 3.81
CA ASP B 52 -35.05 -5.07 3.46
C ASP B 52 -33.80 -5.57 4.16
N MET B 53 -32.94 -4.66 4.63
CA MET B 53 -31.62 -5.06 5.14
C MET B 53 -31.73 -5.97 6.36
N LEU B 54 -32.83 -5.84 7.14
CA LEU B 54 -32.98 -6.52 8.43
C LEU B 54 -32.69 -8.02 8.32
N ASN B 55 -33.59 -8.75 7.66
CA ASN B 55 -33.31 -10.12 7.22
C ASN B 55 -33.91 -10.21 5.83
N PRO B 56 -33.19 -9.72 4.83
CA PRO B 56 -33.77 -9.66 3.49
C PRO B 56 -34.12 -11.05 3.02
N ASN B 57 -35.17 -11.12 2.22
CA ASN B 57 -35.51 -12.32 1.46
C ASN B 57 -34.93 -12.11 0.07
N TYR B 58 -33.69 -12.56 -0.12
CA TYR B 58 -32.97 -12.27 -1.36
C TYR B 58 -33.61 -12.97 -2.56
N GLU B 59 -34.08 -14.20 -2.37
CA GLU B 59 -34.75 -14.89 -3.46
C GLU B 59 -36.02 -14.17 -3.86
N ASP B 60 -36.82 -13.75 -2.87
CA ASP B 60 -38.04 -13.02 -3.19
C ASP B 60 -37.71 -11.67 -3.85
N LEU B 61 -36.74 -10.94 -3.30
CA LEU B 61 -36.40 -9.64 -3.83
C LEU B 61 -35.93 -9.74 -5.28
N LEU B 62 -35.24 -10.83 -5.62
CA LEU B 62 -34.70 -10.99 -6.96
C LEU B 62 -35.80 -11.36 -7.95
N ILE B 63 -36.83 -12.08 -7.49
CA ILE B 63 -37.89 -12.47 -8.42
C ILE B 63 -38.66 -11.25 -8.89
N ARG B 64 -38.76 -10.22 -8.06
CA ARG B 64 -39.36 -8.96 -8.48
C ARG B 64 -38.49 -8.20 -9.49
N LYS B 65 -37.23 -8.57 -9.63
CA LYS B 65 -36.29 -7.80 -10.45
C LYS B 65 -36.31 -8.27 -11.89
N SER B 66 -36.12 -7.31 -12.79
CA SER B 66 -35.89 -7.53 -14.21
C SER B 66 -34.57 -6.91 -14.62
N ASN B 67 -34.09 -7.33 -15.79
CA ASN B 67 -32.83 -6.77 -16.30
C ASN B 67 -32.86 -5.25 -16.31
N HIS B 68 -34.01 -4.67 -16.67
CA HIS B 68 -34.09 -3.23 -16.84
C HIS B 68 -34.23 -2.46 -15.53
N ASN B 69 -34.21 -3.15 -14.37
CA ASN B 69 -34.14 -2.46 -13.09
C ASN B 69 -32.71 -2.17 -12.65
N PHE B 70 -31.70 -2.74 -13.31
CA PHE B 70 -30.30 -2.59 -12.90
C PHE B 70 -29.63 -1.51 -13.75
N LEU B 71 -29.09 -0.49 -13.08
CA LEU B 71 -28.33 0.58 -13.73
C LEU B 71 -26.84 0.30 -13.51
N VAL B 72 -26.16 -0.15 -14.55
CA VAL B 72 -24.74 -0.42 -14.53
C VAL B 72 -24.04 0.66 -15.35
N GLN B 73 -23.03 1.30 -14.76
CA GLN B 73 -22.34 2.38 -15.43
C GLN B 73 -20.84 2.22 -15.28
N ALA B 74 -20.12 2.42 -16.37
CA ALA B 74 -18.68 2.63 -16.35
C ALA B 74 -18.47 4.13 -16.53
N GLY B 75 -18.05 4.81 -15.49
CA GLY B 75 -18.15 6.26 -15.50
C GLY B 75 -19.61 6.65 -15.58
N ASN B 76 -19.94 7.56 -16.49
CA ASN B 76 -21.32 7.93 -16.75
C ASN B 76 -21.91 7.17 -17.94
N VAL B 77 -21.24 6.15 -18.42
CA VAL B 77 -21.67 5.42 -19.60
C VAL B 77 -22.41 4.17 -19.17
N GLN B 78 -23.71 4.10 -19.51
CA GLN B 78 -24.50 2.95 -19.11
C GLN B 78 -24.13 1.70 -19.92
N LEU B 79 -24.06 0.58 -19.21
CA LEU B 79 -23.87 -0.76 -19.76
C LEU B 79 -25.17 -1.53 -19.68
N ARG B 80 -25.69 -1.97 -20.82
CA ARG B 80 -26.99 -2.61 -20.85
C ARG B 80 -26.92 -4.01 -20.23
N VAL B 81 -27.80 -4.28 -19.27
CA VAL B 81 -27.92 -5.59 -18.64
C VAL B 81 -28.86 -6.46 -19.45
N ILE B 82 -28.39 -7.67 -19.80
CA ILE B 82 -29.15 -8.61 -20.62
C ILE B 82 -29.41 -9.94 -19.90
N GLY B 83 -28.99 -10.09 -18.66
CA GLY B 83 -29.24 -11.29 -17.90
C GLY B 83 -28.86 -11.06 -16.46
N HIS B 84 -29.47 -11.76 -15.52
CA HIS B 84 -29.08 -11.62 -14.12
C HIS B 84 -29.28 -12.95 -13.43
N SER B 85 -28.40 -13.23 -12.47
CA SER B 85 -28.54 -14.40 -11.61
C SER B 85 -27.82 -14.14 -10.30
N MET B 86 -28.19 -14.93 -9.29
CA MET B 86 -27.56 -14.87 -7.98
C MET B 86 -26.72 -16.13 -7.78
N GLN B 87 -25.48 -15.95 -7.33
CA GLN B 87 -24.61 -17.05 -6.91
C GLN B 87 -24.20 -16.75 -5.48
N ASN B 88 -24.73 -17.52 -4.53
CA ASN B 88 -24.47 -17.30 -3.11
C ASN B 88 -24.76 -15.83 -2.81
N CYS B 89 -23.79 -15.06 -2.31
CA CYS B 89 -24.04 -13.67 -1.96
C CYS B 89 -23.63 -12.67 -3.05
N VAL B 90 -23.35 -13.12 -4.27
CA VAL B 90 -23.05 -12.22 -5.36
C VAL B 90 -24.12 -12.31 -6.44
N LEU B 91 -24.36 -11.15 -7.05
CA LEU B 91 -25.16 -11.01 -8.24
C LEU B 91 -24.23 -11.03 -9.45
N LYS B 92 -24.65 -11.75 -10.49
CA LYS B 92 -23.97 -11.78 -11.77
C LYS B 92 -24.89 -11.15 -12.79
N LEU B 93 -24.47 -10.02 -13.35
CA LEU B 93 -25.25 -9.28 -14.34
C LEU B 93 -24.57 -9.47 -15.68
N LYS B 94 -25.25 -10.19 -16.59
CA LYS B 94 -24.74 -10.29 -17.96
C LYS B 94 -25.00 -8.97 -18.67
N VAL B 95 -23.98 -8.42 -19.31
CA VAL B 95 -24.10 -7.15 -20.03
C VAL B 95 -23.77 -7.41 -21.49
N ASP B 96 -24.11 -6.43 -22.34
CA ASP B 96 -24.03 -6.64 -23.78
C ASP B 96 -22.69 -6.24 -24.37
N THR B 97 -21.73 -5.87 -23.52
CA THR B 97 -20.41 -5.42 -23.95
C THR B 97 -19.34 -6.17 -23.17
N ALA B 98 -18.38 -6.75 -23.87
CA ALA B 98 -17.27 -7.39 -23.20
C ALA B 98 -16.22 -6.34 -22.85
N ASN B 99 -15.78 -6.35 -21.59
CA ASN B 99 -14.86 -5.30 -21.15
C ASN B 99 -13.55 -5.41 -21.89
N PRO B 100 -13.19 -4.43 -22.73
CA PRO B 100 -11.91 -4.50 -23.47
C PRO B 100 -10.67 -4.45 -22.58
N LYS B 101 -10.79 -3.99 -21.35
CA LYS B 101 -9.68 -3.96 -20.40
C LYS B 101 -9.64 -5.18 -19.49
N THR B 102 -10.39 -6.22 -19.81
CA THR B 102 -10.36 -7.43 -18.99
C THR B 102 -8.94 -7.99 -18.95
N PRO B 103 -8.35 -8.17 -17.79
CA PRO B 103 -7.02 -8.78 -17.72
C PRO B 103 -7.12 -10.30 -17.79
N LYS B 104 -5.95 -10.94 -17.85
CA LYS B 104 -5.93 -12.35 -17.51
C LYS B 104 -6.31 -12.45 -16.04
N TYR B 105 -7.25 -13.34 -15.72
CA TYR B 105 -7.70 -13.39 -14.33
C TYR B 105 -8.15 -14.78 -13.92
N LYS B 106 -8.24 -14.97 -12.61
CA LYS B 106 -8.90 -16.10 -12.00
C LYS B 106 -9.52 -15.66 -10.69
N PHE B 107 -10.41 -16.51 -10.19
CA PHE B 107 -11.10 -16.33 -8.92
C PHE B 107 -10.51 -17.35 -7.95
N VAL B 108 -9.93 -16.87 -6.85
CA VAL B 108 -9.36 -17.78 -5.85
C VAL B 108 -9.98 -17.49 -4.48
N ARG B 109 -10.00 -18.53 -3.65
CA ARG B 109 -10.41 -18.40 -2.27
C ARG B 109 -9.14 -18.50 -1.44
N ILE B 110 -8.82 -17.43 -0.72
CA ILE B 110 -7.58 -17.43 0.07
C ILE B 110 -7.81 -18.02 1.46
N GLN B 111 -6.72 -18.28 2.14
CA GLN B 111 -6.69 -18.79 3.49
C GLN B 111 -6.36 -17.69 4.48
N PRO B 112 -6.80 -17.82 5.72
CA PRO B 112 -6.34 -16.89 6.76
C PRO B 112 -4.83 -16.76 6.75
N GLY B 113 -4.34 -15.54 6.98
CA GLY B 113 -2.94 -15.19 6.90
C GLY B 113 -2.50 -14.64 5.56
N GLN B 114 -3.14 -15.06 4.48
CA GLN B 114 -2.79 -14.55 3.16
C GLN B 114 -3.11 -13.07 3.08
N THR B 115 -2.27 -12.35 2.35
CA THR B 115 -2.42 -10.93 2.14
C THR B 115 -2.95 -10.68 0.75
N PHE B 116 -3.49 -9.48 0.56
CA PHE B 116 -3.98 -9.08 -0.76
C PHE B 116 -4.13 -7.57 -0.75
N SER B 117 -4.14 -7.00 -1.95
CA SER B 117 -4.38 -5.58 -2.13
C SER B 117 -5.87 -5.34 -2.28
N VAL B 118 -6.33 -4.26 -1.66
CA VAL B 118 -7.72 -3.81 -1.78
C VAL B 118 -7.72 -2.51 -2.57
N LEU B 119 -8.57 -2.43 -3.60
CA LEU B 119 -8.76 -1.19 -4.33
C LEU B 119 -10.07 -0.60 -3.83
N ALA B 120 -9.98 0.35 -2.91
CA ALA B 120 -11.18 0.91 -2.30
C ALA B 120 -11.83 1.84 -3.31
N CYS B 121 -13.12 1.63 -3.57
CA CYS B 121 -13.82 2.36 -4.61
C CYS B 121 -15.12 2.94 -4.07
N TYR B 122 -15.57 4.00 -4.73
CA TYR B 122 -16.86 4.64 -4.44
C TYR B 122 -17.47 5.08 -5.77
N ASN B 123 -18.72 4.71 -6.00
CA ASN B 123 -19.42 5.07 -7.24
C ASN B 123 -18.64 4.64 -8.47
N GLY B 124 -18.02 3.46 -8.40
CA GLY B 124 -17.26 2.93 -9.50
C GLY B 124 -15.92 3.59 -9.71
N SER B 125 -15.55 4.53 -8.85
CA SER B 125 -14.33 5.30 -9.01
CA SER B 125 -14.33 5.31 -9.01
C SER B 125 -13.31 4.86 -7.98
N PRO B 126 -12.12 4.42 -8.40
CA PRO B 126 -11.11 4.03 -7.40
C PRO B 126 -10.62 5.23 -6.58
N SER B 127 -10.49 4.99 -5.28
CA SER B 127 -10.04 5.98 -4.32
C SER B 127 -8.61 5.73 -3.82
N GLY B 128 -8.26 4.47 -3.53
CA GLY B 128 -6.98 4.17 -2.91
C GLY B 128 -6.71 2.69 -2.97
N VAL B 129 -5.46 2.33 -2.74
CA VAL B 129 -5.07 0.92 -2.73
CA VAL B 129 -5.02 0.93 -2.76
C VAL B 129 -4.18 0.67 -1.52
N TYR B 130 -4.37 -0.49 -0.90
CA TYR B 130 -3.63 -0.82 0.33
C TYR B 130 -3.66 -2.33 0.55
N GLN B 131 -2.71 -2.81 1.35
CA GLN B 131 -2.59 -4.23 1.63
C GLN B 131 -3.39 -4.60 2.87
N CYS B 132 -4.09 -5.72 2.78
CA CYS B 132 -4.84 -6.32 3.87
C CYS B 132 -4.36 -7.74 4.12
N ALA B 133 -4.45 -8.18 5.37
CA ALA B 133 -4.24 -9.58 5.70
C ALA B 133 -5.57 -10.17 6.16
N MET B 134 -5.91 -11.35 5.64
CA MET B 134 -7.07 -12.07 6.15
C MET B 134 -6.72 -12.62 7.53
N ARG B 135 -7.46 -12.16 8.54
CA ARG B 135 -7.22 -12.61 9.91
C ARG B 135 -7.71 -14.04 10.12
N PRO B 136 -7.17 -14.74 11.11
CA PRO B 136 -7.66 -16.09 11.43
C PRO B 136 -9.14 -16.15 11.75
N ASN B 137 -9.74 -15.07 12.21
CA ASN B 137 -11.18 -15.02 12.44
C ASN B 137 -11.95 -14.52 11.22
N PHE B 138 -11.28 -14.42 10.06
CA PHE B 138 -11.91 -14.17 8.77
C PHE B 138 -12.46 -12.76 8.66
N THR B 139 -11.84 -11.81 9.35
CA THR B 139 -12.04 -10.39 9.12
C THR B 139 -10.77 -9.79 8.53
N ILE B 140 -10.91 -8.60 7.95
CA ILE B 140 -9.78 -7.78 7.56
C ILE B 140 -9.93 -6.40 8.20
N LYS B 141 -8.79 -5.73 8.39
CA LYS B 141 -8.74 -4.35 8.89
C LYS B 141 -8.64 -3.42 7.69
N GLY B 142 -9.78 -3.08 7.11
CA GLY B 142 -9.84 -2.18 5.99
C GLY B 142 -10.03 -0.74 6.40
N SER B 143 -10.21 0.10 5.40
CA SER B 143 -10.63 1.49 5.53
C SER B 143 -11.74 1.58 4.50
N PHE B 144 -12.95 1.24 4.92
CA PHE B 144 -14.12 1.22 4.06
C PHE B 144 -15.17 2.16 4.64
N LEU B 145 -15.69 3.03 3.79
CA LEU B 145 -16.76 3.96 4.13
C LEU B 145 -18.05 3.50 3.44
N ASN B 146 -19.15 4.19 3.72
CA ASN B 146 -20.38 3.96 2.98
C ASN B 146 -20.10 4.02 1.49
N GLY B 147 -20.72 3.12 0.73
CA GLY B 147 -20.56 3.09 -0.71
C GLY B 147 -19.39 2.25 -1.20
N SER B 148 -18.62 1.65 -0.31
CA SER B 148 -17.44 0.89 -0.69
C SER B 148 -17.73 -0.55 -1.08
N CYS B 149 -18.93 -1.07 -0.78
CA CYS B 149 -19.22 -2.45 -1.10
C CYS B 149 -19.00 -2.71 -2.60
N GLY B 150 -18.53 -3.93 -2.89
CA GLY B 150 -18.18 -4.25 -4.24
C GLY B 150 -16.73 -3.93 -4.58
N SER B 151 -16.04 -3.16 -3.74
CA SER B 151 -14.58 -3.09 -3.84
C SER B 151 -13.97 -4.49 -3.66
N VAL B 152 -12.88 -4.75 -4.38
CA VAL B 152 -12.31 -6.08 -4.41
C VAL B 152 -10.88 -6.10 -3.91
N GLY B 153 -10.48 -7.29 -3.50
CA GLY B 153 -9.13 -7.57 -3.12
C GLY B 153 -8.55 -8.58 -4.08
N PHE B 154 -7.24 -8.47 -4.31
CA PHE B 154 -6.62 -9.22 -5.38
C PHE B 154 -5.13 -9.35 -5.12
N ASN B 155 -4.53 -10.34 -5.78
CA ASN B 155 -3.09 -10.46 -5.98
C ASN B 155 -2.81 -10.53 -7.46
N ILE B 156 -1.60 -10.15 -7.85
CA ILE B 156 -1.21 -10.22 -9.26
C ILE B 156 0.03 -11.08 -9.33
N ASP B 157 -0.04 -12.14 -10.13
CA ASP B 157 1.09 -13.04 -10.37
C ASP B 157 1.45 -12.93 -11.85
N TYR B 158 2.61 -12.36 -12.13
CA TYR B 158 3.00 -12.08 -13.50
C TYR B 158 1.99 -11.09 -14.07
N ASP B 159 1.15 -11.51 -15.01
CA ASP B 159 0.12 -10.63 -15.53
C ASP B 159 -1.28 -11.11 -15.20
N CYS B 160 -1.41 -12.08 -14.29
CA CYS B 160 -2.70 -12.67 -13.99
C CYS B 160 -3.22 -12.10 -12.67
N VAL B 161 -4.44 -11.59 -12.70
CA VAL B 161 -5.06 -11.05 -11.51
C VAL B 161 -5.89 -12.16 -10.86
N SER B 162 -5.53 -12.53 -9.61
CA SER B 162 -6.30 -13.48 -8.83
C SER B 162 -7.19 -12.66 -7.89
N PHE B 163 -8.48 -12.60 -8.22
CA PHE B 163 -9.42 -11.92 -7.36
C PHE B 163 -9.79 -12.84 -6.20
N CYS B 164 -9.67 -12.34 -4.96
CA CYS B 164 -9.94 -13.18 -3.81
C CYS B 164 -10.97 -12.61 -2.83
N TYR B 165 -11.37 -11.35 -2.94
CA TYR B 165 -12.24 -10.73 -1.96
C TYR B 165 -13.16 -9.72 -2.64
N MET B 166 -14.41 -9.68 -2.18
CA MET B 166 -15.33 -8.60 -2.51
C MET B 166 -15.99 -8.10 -1.23
N HIS B 167 -16.11 -6.79 -1.07
CA HIS B 167 -16.43 -6.23 0.24
C HIS B 167 -17.94 -6.14 0.45
N HIS B 168 -18.40 -6.56 1.63
CA HIS B 168 -19.84 -6.49 1.93
C HIS B 168 -20.21 -5.77 3.20
N MET B 169 -19.37 -5.77 4.25
CA MET B 169 -19.91 -5.23 5.49
C MET B 169 -18.84 -4.91 6.53
N GLU B 170 -19.27 -4.13 7.52
CA GLU B 170 -18.48 -3.75 8.68
C GLU B 170 -19.08 -4.38 9.93
N LEU B 171 -18.24 -4.81 10.85
CA LEU B 171 -18.71 -5.41 12.10
C LEU B 171 -18.67 -4.41 13.23
N PRO B 172 -19.36 -4.70 14.35
CA PRO B 172 -19.37 -3.76 15.48
C PRO B 172 -17.98 -3.28 15.91
N THR B 173 -16.98 -4.17 15.92
CA THR B 173 -15.63 -3.81 16.35
C THR B 173 -14.87 -2.96 15.33
N GLY B 174 -15.43 -2.68 14.15
CA GLY B 174 -14.80 -1.82 13.18
C GLY B 174 -13.98 -2.53 12.12
N VAL B 175 -13.91 -3.85 12.18
CA VAL B 175 -13.25 -4.64 11.14
C VAL B 175 -14.28 -4.96 10.06
N HIS B 176 -13.85 -5.61 9.00
CA HIS B 176 -14.64 -5.75 7.78
C HIS B 176 -14.73 -7.21 7.37
N ALA B 177 -15.78 -7.51 6.61
CA ALA B 177 -16.09 -8.88 6.21
C ALA B 177 -16.66 -8.88 4.80
N GLY B 178 -16.49 -10.01 4.13
CA GLY B 178 -16.96 -10.13 2.77
C GLY B 178 -16.76 -11.54 2.25
N THR B 179 -16.83 -11.66 0.93
CA THR B 179 -16.91 -12.93 0.22
C THR B 179 -15.76 -13.08 -0.75
N ASP B 180 -15.64 -14.29 -1.30
CA ASP B 180 -14.83 -14.49 -2.49
C ASP B 180 -15.67 -14.09 -3.69
N LEU B 181 -15.15 -14.27 -4.89
CA LEU B 181 -15.85 -13.82 -6.10
C LEU B 181 -16.90 -14.83 -6.55
N GLU B 182 -17.05 -15.94 -5.82
CA GLU B 182 -18.19 -16.84 -5.98
C GLU B 182 -19.29 -16.57 -4.95
N GLY B 183 -19.17 -15.50 -4.15
CA GLY B 183 -20.21 -15.10 -3.23
C GLY B 183 -20.20 -15.81 -1.90
N ASN B 184 -19.20 -16.65 -1.64
CA ASN B 184 -19.11 -17.37 -0.38
C ASN B 184 -18.37 -16.52 0.64
N PHE B 185 -19.06 -16.18 1.73
CA PHE B 185 -18.42 -15.39 2.76
C PHE B 185 -17.18 -16.11 3.29
N TYR B 186 -16.17 -15.32 3.64
CA TYR B 186 -15.13 -15.79 4.53
C TYR B 186 -15.70 -15.72 5.96
N GLY B 187 -15.52 -16.79 6.71
CA GLY B 187 -15.98 -16.83 8.09
C GLY B 187 -17.47 -16.99 8.24
N PRO B 188 -17.96 -16.83 9.47
CA PRO B 188 -19.35 -17.17 9.78
C PRO B 188 -20.30 -15.99 9.72
N PHE B 189 -20.19 -15.15 8.69
CA PHE B 189 -21.01 -13.97 8.58
C PHE B 189 -22.04 -14.16 7.47
N VAL B 190 -23.06 -13.29 7.52
CA VAL B 190 -24.15 -13.30 6.55
C VAL B 190 -24.43 -11.85 6.18
N ASP B 191 -24.92 -11.63 4.95
CA ASP B 191 -25.20 -10.28 4.49
C ASP B 191 -26.60 -9.83 4.94
N ARG B 192 -26.72 -9.58 6.24
CA ARG B 192 -27.89 -8.96 6.86
C ARG B 192 -27.41 -7.82 7.75
N GLN B 193 -28.23 -6.77 7.88
CA GLN B 193 -27.87 -5.62 8.68
C GLN B 193 -28.12 -5.93 10.16
N THR B 194 -27.27 -6.81 10.69
CA THR B 194 -27.34 -7.22 12.08
C THR B 194 -25.94 -7.13 12.70
N ALA B 195 -25.91 -6.94 14.01
CA ALA B 195 -24.65 -7.01 14.73
C ALA B 195 -24.17 -8.45 14.76
N GLN B 196 -23.03 -8.70 14.16
CA GLN B 196 -22.41 -10.03 14.16
C GLN B 196 -21.05 -9.92 14.81
N ALA B 197 -20.66 -10.99 15.50
CA ALA B 197 -19.43 -11.01 16.26
C ALA B 197 -18.41 -11.87 15.53
N ALA B 198 -17.19 -11.37 15.40
CA ALA B 198 -16.11 -12.23 14.97
C ALA B 198 -15.58 -13.04 16.15
N GLY B 199 -15.11 -14.25 15.85
CA GLY B 199 -14.39 -15.01 16.85
C GLY B 199 -13.21 -14.21 17.36
N THR B 200 -12.67 -14.58 18.52
CA THR B 200 -11.51 -13.84 19.00
C THR B 200 -10.35 -14.06 18.03
N ASP B 201 -9.63 -12.99 17.74
CA ASP B 201 -8.57 -13.12 16.76
C ASP B 201 -7.33 -13.75 17.39
N THR B 202 -6.48 -14.29 16.54
CA THR B 202 -5.24 -14.92 16.96
C THR B 202 -4.13 -14.38 16.08
N THR B 203 -2.89 -14.64 16.49
CA THR B 203 -1.73 -14.18 15.76
C THR B 203 -1.39 -15.15 14.65
N ILE B 204 -1.03 -14.61 13.48
CA ILE B 204 -0.76 -15.44 12.30
C ILE B 204 0.65 -15.98 12.36
N THR B 205 0.77 -17.18 12.91
CA THR B 205 2.07 -17.77 13.21
C THR B 205 2.94 -17.87 11.97
N VAL B 206 2.37 -18.31 10.84
CA VAL B 206 3.20 -18.51 9.65
C VAL B 206 3.82 -17.20 9.21
N ASN B 207 3.10 -16.09 9.36
CA ASN B 207 3.68 -14.82 8.97
C ASN B 207 4.69 -14.33 9.98
N VAL B 208 4.51 -14.62 11.27
CA VAL B 208 5.56 -14.28 12.23
C VAL B 208 6.84 -15.02 11.86
N LEU B 209 6.73 -16.31 11.52
CA LEU B 209 7.91 -17.08 11.12
C LEU B 209 8.56 -16.44 9.89
N ALA B 210 7.74 -16.03 8.92
CA ALA B 210 8.28 -15.36 7.74
C ALA B 210 9.05 -14.10 8.13
N TRP B 211 8.53 -13.36 9.11
CA TRP B 211 9.18 -12.17 9.63
C TRP B 211 10.52 -12.51 10.29
N LEU B 212 10.58 -13.59 11.08
CA LEU B 212 11.87 -14.01 11.64
C LEU B 212 12.86 -14.37 10.53
N TYR B 213 12.39 -15.09 9.50
CA TYR B 213 13.27 -15.39 8.37
C TYR B 213 13.77 -14.11 7.71
N ALA B 214 12.88 -13.13 7.50
CA ALA B 214 13.29 -11.82 7.01
C ALA B 214 14.37 -11.19 7.88
N ALA B 215 14.20 -11.27 9.20
CA ALA B 215 15.22 -10.74 10.10
C ALA B 215 16.56 -11.43 9.89
N VAL B 216 16.54 -12.75 9.75
CA VAL B 216 17.77 -13.49 9.53
C VAL B 216 18.42 -13.06 8.22
N ILE B 217 17.62 -12.94 7.16
CA ILE B 217 18.15 -12.53 5.86
C ILE B 217 18.91 -11.22 5.97
N ASN B 218 18.46 -10.31 6.83
CA ASN B 218 19.08 -9.00 7.02
C ASN B 218 20.10 -8.98 8.14
N GLY B 219 20.53 -10.14 8.61
CA GLY B 219 21.62 -10.24 9.57
C GLY B 219 21.23 -10.08 11.02
N ASP B 220 19.94 -10.11 11.34
CA ASP B 220 19.43 -9.92 12.69
C ASP B 220 18.97 -11.28 13.18
N ARG B 221 19.85 -12.00 13.89
CA ARG B 221 19.59 -13.41 14.16
C ARG B 221 19.93 -13.82 15.58
N TRP B 222 19.87 -12.88 16.53
CA TRP B 222 20.21 -13.22 17.91
C TRP B 222 19.30 -14.31 18.47
N PHE B 223 18.05 -14.37 18.01
CA PHE B 223 17.02 -15.24 18.56
C PHE B 223 17.11 -16.68 18.10
N LEU B 224 18.01 -17.02 17.16
CA LEU B 224 18.15 -18.41 16.75
C LEU B 224 18.79 -19.21 17.88
N ASN B 225 18.22 -20.37 18.19
CA ASN B 225 18.76 -21.27 19.21
C ASN B 225 19.16 -22.59 18.56
N ARG B 226 19.80 -23.46 19.35
CA ARG B 226 20.33 -24.73 18.86
C ARG B 226 19.37 -25.91 19.10
N PHE B 227 18.06 -25.65 19.16
CA PHE B 227 17.07 -26.68 19.41
C PHE B 227 16.06 -26.77 18.28
N THR B 228 15.20 -27.79 18.36
CA THR B 228 14.11 -27.94 17.40
C THR B 228 12.88 -28.41 18.19
N THR B 229 11.84 -28.75 17.46
CA THR B 229 10.56 -29.13 18.05
C THR B 229 9.80 -29.95 17.02
N THR B 230 8.83 -30.73 17.49
CA THR B 230 7.88 -31.30 16.56
C THR B 230 6.81 -30.26 16.25
N LEU B 231 6.12 -30.47 15.13
CA LEU B 231 5.06 -29.56 14.75
C LEU B 231 3.91 -29.62 15.75
N ASN B 232 3.56 -30.81 16.22
CA ASN B 232 2.47 -30.91 17.21
C ASN B 232 2.82 -30.23 18.53
N ASP B 233 4.02 -30.50 19.07
CA ASP B 233 4.42 -29.82 20.31
C ASP B 233 4.40 -28.32 20.15
N PHE B 234 4.90 -27.80 19.02
CA PHE B 234 4.87 -26.36 18.81
C PHE B 234 3.42 -25.85 18.77
N ASN B 235 2.54 -26.58 18.09
CA ASN B 235 1.17 -26.09 17.95
C ASN B 235 0.46 -26.01 19.28
N LEU B 236 0.73 -26.97 20.17
CA LEU B 236 0.08 -26.98 21.47
C LEU B 236 0.55 -25.82 22.34
N VAL B 237 1.86 -25.52 22.29
CA VAL B 237 2.34 -24.35 23.00
C VAL B 237 1.80 -23.08 22.37
N ALA B 238 1.87 -22.98 21.03
CA ALA B 238 1.44 -21.76 20.36
C ALA B 238 0.01 -21.40 20.73
N MET B 239 -0.88 -22.39 20.76
CA MET B 239 -2.28 -22.08 21.09
C MET B 239 -2.41 -21.43 22.46
N LYS B 240 -1.54 -21.77 23.40
CA LYS B 240 -1.62 -21.17 24.73
C LYS B 240 -1.22 -19.69 24.72
N TYR B 241 -0.57 -19.21 23.65
CA TYR B 241 -0.22 -17.79 23.54
C TYR B 241 -1.09 -17.07 22.50
N ASN B 242 -2.20 -17.67 22.10
CA ASN B 242 -3.13 -17.08 21.15
C ASN B 242 -2.49 -16.90 19.79
N TYR B 243 -1.58 -17.82 19.47
CA TYR B 243 -1.01 -17.99 18.15
C TYR B 243 -1.76 -19.11 17.42
N GLU B 244 -1.93 -18.94 16.11
CA GLU B 244 -2.54 -19.98 15.28
C GLU B 244 -1.67 -21.24 15.24
N PRO B 245 -2.27 -22.43 15.21
CA PRO B 245 -1.48 -23.62 14.89
C PRO B 245 -1.04 -23.58 13.43
N LEU B 246 0.10 -24.21 13.17
CA LEU B 246 0.58 -24.32 11.80
C LEU B 246 -0.07 -25.52 11.10
N THR B 247 -0.31 -25.35 9.81
CA THR B 247 -0.75 -26.42 8.94
C THR B 247 0.44 -26.92 8.11
N GLN B 248 0.24 -28.07 7.47
CA GLN B 248 1.24 -28.58 6.55
C GLN B 248 1.48 -27.58 5.42
N ASP B 249 0.42 -26.90 4.96
CA ASP B 249 0.58 -25.91 3.91
C ASP B 249 1.45 -24.74 4.37
N HIS B 250 1.34 -24.37 5.66
CA HIS B 250 2.19 -23.33 6.22
C HIS B 250 3.66 -23.74 6.18
N VAL B 251 3.93 -24.97 6.61
CA VAL B 251 5.28 -25.48 6.55
C VAL B 251 5.81 -25.42 5.13
N ASP B 252 4.99 -25.80 4.17
CA ASP B 252 5.44 -25.82 2.78
C ASP B 252 5.70 -24.40 2.25
N ILE B 253 4.84 -23.42 2.56
CA ILE B 253 5.07 -22.11 2.00
C ILE B 253 6.23 -21.38 2.66
N LEU B 254 6.74 -21.88 3.80
CA LEU B 254 7.99 -21.41 4.39
C LEU B 254 9.22 -22.04 3.76
N GLY B 255 9.04 -23.01 2.86
CA GLY B 255 10.13 -23.72 2.24
C GLY B 255 11.16 -22.82 1.60
N PRO B 256 10.73 -21.88 0.74
CA PRO B 256 11.74 -21.05 0.06
C PRO B 256 12.60 -20.25 1.03
N LEU B 257 12.01 -19.68 2.09
CA LEU B 257 12.80 -18.90 3.05
C LEU B 257 13.70 -19.79 3.89
N SER B 258 13.22 -20.99 4.22
CA SER B 258 14.05 -21.98 4.91
CA SER B 258 14.07 -21.96 4.92
C SER B 258 15.26 -22.36 4.06
N ALA B 259 15.04 -22.58 2.76
CA ALA B 259 16.14 -22.90 1.84
C ALA B 259 17.09 -21.72 1.67
N GLN B 260 16.53 -20.51 1.62
CA GLN B 260 17.36 -19.31 1.44
C GLN B 260 18.30 -19.12 2.63
N THR B 261 17.83 -19.44 3.82
CA THR B 261 18.60 -19.20 5.04
C THR B 261 19.24 -20.46 5.60
N GLY B 262 18.85 -21.65 5.15
CA GLY B 262 19.38 -22.86 5.73
C GLY B 262 18.88 -23.15 7.12
N ILE B 263 17.83 -22.48 7.56
CA ILE B 263 17.25 -22.71 8.88
C ILE B 263 15.98 -23.52 8.69
N ALA B 264 15.98 -24.74 9.23
CA ALA B 264 14.82 -25.61 9.08
C ALA B 264 13.59 -24.97 9.70
N VAL B 265 12.44 -25.19 9.08
CA VAL B 265 11.18 -24.61 9.56
C VAL B 265 10.99 -24.95 11.04
N LEU B 266 11.21 -26.20 11.42
CA LEU B 266 10.93 -26.61 12.79
C LEU B 266 11.95 -26.03 13.77
N ASP B 267 13.18 -25.75 13.31
CA ASP B 267 14.12 -25.03 14.15
C ASP B 267 13.65 -23.60 14.38
N MET B 268 13.14 -22.94 13.34
CA MET B 268 12.65 -21.59 13.55
C MET B 268 11.45 -21.61 14.50
N CYS B 269 10.61 -22.64 14.40
CA CYS B 269 9.51 -22.79 15.35
C CYS B 269 10.03 -22.85 16.78
N ALA B 270 11.14 -23.54 16.99
CA ALA B 270 11.73 -23.61 18.32
C ALA B 270 12.21 -22.25 18.80
N SER B 271 12.81 -21.46 17.91
CA SER B 271 13.20 -20.10 18.28
C SER B 271 11.98 -19.25 18.63
N LEU B 272 10.90 -19.39 17.86
CA LEU B 272 9.69 -18.64 18.16
C LEU B 272 9.12 -19.06 19.51
N LYS B 273 9.12 -20.36 19.77
CA LYS B 273 8.62 -20.87 21.04
C LYS B 273 9.36 -20.24 22.21
N GLU B 274 10.67 -20.06 22.06
CA GLU B 274 11.45 -19.44 23.13
C GLU B 274 11.10 -17.97 23.29
N LEU B 275 10.85 -17.27 22.18
CA LEU B 275 10.41 -15.89 22.28
C LEU B 275 9.06 -15.78 23.00
N LEU B 276 8.17 -16.72 22.71
CA LEU B 276 6.85 -16.69 23.34
C LEU B 276 6.97 -16.99 24.85
N GLN B 277 7.78 -17.99 25.20
CA GLN B 277 7.87 -18.41 26.60
C GLN B 277 8.74 -17.46 27.43
N ASN B 278 9.78 -16.88 26.84
CA ASN B 278 10.73 -16.07 27.58
C ASN B 278 10.59 -14.57 27.29
N GLY B 279 9.83 -14.18 26.29
CA GLY B 279 9.78 -12.79 25.90
C GLY B 279 11.05 -12.36 25.18
N MET B 280 11.06 -11.08 24.80
CA MET B 280 12.19 -10.51 24.07
C MET B 280 13.28 -9.97 24.99
N ASN B 281 12.97 -9.75 26.27
CA ASN B 281 13.94 -9.21 27.22
C ASN B 281 14.48 -7.86 26.74
N GLY B 282 13.58 -7.01 26.26
CA GLY B 282 13.95 -5.71 25.78
C GLY B 282 14.71 -5.69 24.47
N ARG B 283 15.07 -6.84 23.93
CA ARG B 283 15.71 -6.89 22.62
C ARG B 283 14.71 -6.43 21.55
N THR B 284 15.24 -6.18 20.36
CA THR B 284 14.39 -5.89 19.21
C THR B 284 14.75 -6.82 18.06
N ILE B 285 13.80 -6.95 17.13
CA ILE B 285 13.96 -7.75 15.92
C ILE B 285 13.53 -6.84 14.78
N LEU B 286 14.44 -6.61 13.84
CA LEU B 286 14.18 -5.65 12.77
C LEU B 286 13.77 -4.30 13.34
N GLY B 287 14.31 -3.96 14.51
CA GLY B 287 14.09 -2.65 15.11
C GLY B 287 12.89 -2.54 16.00
N SER B 288 12.09 -3.60 16.16
CA SER B 288 10.87 -3.52 16.95
C SER B 288 10.84 -4.59 18.01
N ALA B 289 10.19 -4.27 19.13
CA ALA B 289 9.89 -5.27 20.14
C ALA B 289 8.62 -6.06 19.81
N LEU B 290 7.88 -5.65 18.78
CA LEU B 290 6.66 -6.34 18.38
C LEU B 290 6.94 -7.29 17.22
N LEU B 291 6.38 -8.49 17.28
CA LEU B 291 6.48 -9.44 16.17
C LEU B 291 5.38 -9.17 15.16
N GLU B 292 5.76 -8.88 13.93
CA GLU B 292 4.83 -8.58 12.86
C GLU B 292 4.20 -9.85 12.27
N ASP B 293 2.86 -9.80 12.03
CA ASP B 293 2.18 -10.98 11.52
C ASP B 293 1.37 -10.71 10.25
N GLU B 294 1.61 -9.60 9.54
CA GLU B 294 0.88 -9.36 8.29
C GLU B 294 1.79 -9.29 7.06
N PHE B 295 2.98 -9.91 7.11
CA PHE B 295 3.81 -10.16 5.94
C PHE B 295 3.89 -11.67 5.75
N THR B 296 3.37 -12.15 4.61
CA THR B 296 3.47 -13.56 4.27
C THR B 296 4.88 -13.92 3.81
N PRO B 297 5.17 -15.21 3.69
CA PRO B 297 6.46 -15.60 3.12
C PRO B 297 6.66 -15.04 1.72
N PHE B 298 5.61 -14.99 0.90
CA PHE B 298 5.72 -14.37 -0.42
C PHE B 298 6.03 -12.89 -0.32
N ASP B 299 5.36 -12.19 0.59
CA ASP B 299 5.62 -10.76 0.79
C ASP B 299 7.09 -10.52 1.14
N VAL B 300 7.66 -11.39 1.98
CA VAL B 300 9.04 -11.20 2.43
C VAL B 300 9.99 -11.36 1.24
N VAL B 301 9.78 -12.40 0.44
CA VAL B 301 10.66 -12.61 -0.70
C VAL B 301 10.52 -11.45 -1.68
N ARG B 302 9.32 -10.90 -1.80
CA ARG B 302 9.07 -9.82 -2.77
C ARG B 302 9.85 -8.55 -2.42
N GLN B 303 10.00 -8.26 -1.12
CA GLN B 303 10.70 -7.06 -0.69
C GLN B 303 12.19 -7.26 -0.39
N CYS B 304 12.63 -8.51 -0.20
CA CYS B 304 14.05 -8.74 0.11
C CYS B 304 14.85 -9.03 -1.15
N SER B 305 14.27 -9.80 -2.08
CA SER B 305 14.99 -10.32 -3.22
C SER B 305 14.42 -9.89 -4.57
N GLY B 306 13.17 -9.44 -4.63
CA GLY B 306 12.50 -9.23 -5.91
C GLY B 306 12.13 -7.80 -6.21
N1 P8U C . 23.82 4.32 -6.34
C2 P8U C . 22.84 4.56 -7.37
C3 P8U C . 23.53 4.96 -8.68
C4 P8U C . 24.40 6.24 -8.49
C6 P8U C . 23.52 7.46 -8.14
C8 P8U C . 19.75 2.28 -8.09
C9 P8U C . 18.67 2.06 -7.00
C10 P8U C . 19.34 1.70 -5.63
C11 P8U C . 18.26 1.49 -4.59
C16 P8U C . 24.79 3.07 -1.88
C17 P8U C . 26.06 2.23 -1.56
C19 P8U C . 27.46 2.84 -1.41
C20 P8U C . 28.11 3.03 -2.79
C21 P8U C . 29.55 3.59 -2.67
C22 P8U C . 30.44 2.71 -1.78
C1 P8U C . 23.38 3.67 -5.11
C12 P8U C . 19.82 -0.41 -4.47
C13 P8U C . 20.13 0.44 -5.75
C14 P8U C . 19.10 2.59 -9.44
C15 P8U C . 23.90 2.56 -3.04
C18 P8U C . 24.77 2.15 -0.69
C23 P8U C . 29.78 2.43 -0.41
C24 P8U C . 28.33 1.91 -0.56
C5 P8U C . 25.15 6.54 -9.81
C7 P8U C . 22.05 3.28 -7.64
N2 P8U C . 20.60 3.42 -7.81
N3 P8U C . 18.55 0.23 -3.87
O1 P8U C . 22.22 3.61 -4.86
O2 P8U C . 17.34 2.19 -4.32
O3 P8U C . 18.28 1.52 -9.87
O4 P8U C . 22.58 2.21 -7.70
O5 P8U C . 24.37 3.11 -4.27
N1 P8L D . 23.88 4.11 -6.29
C2 P8L D . 22.89 4.43 -7.30
C3 P8L D . 23.60 4.85 -8.60
C4 P8L D . 24.59 6.03 -8.35
C6 P8L D . 23.86 7.29 -7.86
C8 P8L D . 19.75 2.27 -8.17
C9 P8L D . 18.75 2.08 -7.00
C10 P8L D . 19.51 1.75 -5.66
C11 P8L D . 18.55 1.73 -4.48
C16 P8L D . 25.05 3.22 -1.70
C17 P8L D . 26.25 2.25 -1.51
C19 P8L D . 27.69 2.80 -1.35
C20 P8L D . 28.34 2.98 -2.73
C21 P8L D . 29.80 3.49 -2.61
C22 P8L D . 30.65 2.61 -1.69
C1 P8L D . 23.43 4.05 -4.90
C12 P8L D . 19.75 -0.41 -4.52
C13 P8L D . 20.17 0.42 -5.78
C14 P8L D . 19.00 2.56 -9.48
C15 P8L D . 24.14 2.94 -2.94
C18 P8L D . 24.98 2.17 -0.63
C23 P8L D . 29.96 2.35 -0.34
C24 P8L D . 28.53 1.83 -0.51
C5 P8L D . 25.28 6.39 -9.71
C7 P8L D . 22.04 3.19 -7.54
N2 P8L D . 20.63 3.39 -7.92
N3 P8L D . 18.69 0.44 -3.79
O1 P8L D . 22.27 4.08 -4.65
O2 P8L D . 17.81 2.60 -4.12
O3 P8L D . 19.96 2.63 -10.53
O4 P8L D . 22.51 2.10 -7.42
O5 P8L D . 24.40 3.97 -3.88
N1 P8U E . -24.23 -3.48 6.63
C2 P8U E . -23.89 -3.63 5.22
C3 P8U E . -25.13 -4.01 4.40
C4 P8U E . -25.70 -5.39 4.85
C6 P8U E . -24.69 -6.53 4.58
C8 P8U E . -21.60 -1.26 3.10
C9 P8U E . -20.14 -1.12 3.60
C10 P8U E . -20.13 -0.71 5.13
C11 P8U E . -18.73 -0.74 5.64
C16 P8U E . -22.89 -2.89 10.87
C17 P8U E . -23.80 -2.34 12.02
C19 P8U E . -25.02 -3.11 12.56
C1 P8U E . -23.22 -2.81 7.48
C12 P8U E . -19.70 1.48 6.15
C13 P8U E . -20.70 0.67 5.27
C14 P8U E . -21.65 -1.45 1.58
C15 P8U E . -22.63 -1.94 9.66
C18 P8U E . -22.26 -2.45 12.17
C5 P8U E . -26.97 -5.71 4.02
C7 P8U E . -23.31 -2.32 4.68
N2 P8U E . -22.23 -2.43 3.68
N3 P8U E . -18.45 0.58 6.28
O1 P8U E . -22.08 -2.88 7.17
O2 P8U E . -17.97 -1.65 5.58
O3 P8U E . -21.16 -0.32 0.91
O4 P8U E . -23.71 -1.26 5.05
O5 P8U E . -23.63 -2.12 8.66
N1 P8L F . -24.33 -3.26 6.42
C2 P8L F . -23.93 -3.48 5.05
C3 P8L F . -25.13 -3.95 4.23
C4 P8L F . -25.69 -5.30 4.77
C6 P8L F . -24.69 -6.46 4.56
C8 P8L F . -21.45 -1.17 3.08
C9 P8L F . -20.00 -1.00 3.58
C10 P8L F . -19.96 -0.72 5.14
C11 P8L F . -18.52 -0.61 5.59
C16 P8L F . -22.81 -3.03 11.06
C17 P8L F . -23.77 -2.33 12.08
C19 P8L F . -24.92 -3.07 12.78
C1 P8L F . -23.30 -3.26 7.47
C12 P8L F . -19.68 1.48 6.21
C13 P8L F . -20.67 0.55 5.46
C14 P8L F . -21.48 -1.36 1.55
C15 P8L F . -22.72 -2.37 9.65
C18 P8L F . -22.22 -2.27 12.21
C5 P8L F . -26.98 -5.66 3.98
C7 P8L F . -23.35 -2.21 4.43
N2 P8L F . -22.07 -2.32 3.71
N3 P8L F . -18.34 0.72 6.24
O1 P8L F . -22.17 -3.49 7.17
O2 P8L F . -17.68 -1.43 5.45
O3 P8L F . -22.82 -1.39 1.15
O4 P8L F . -23.92 -1.16 4.51
O5 P8L F . -23.68 -3.04 8.82
O1 PG4 G . 20.80 -18.38 0.27
C1 PG4 G . 21.13 -19.67 -0.21
C2 PG4 G . 21.85 -20.52 0.79
O2 PG4 G . 21.13 -20.61 1.99
C3 PG4 G . 21.48 -21.71 2.78
C4 PG4 G . 22.36 -21.24 3.88
O3 PG4 G . 23.71 -21.49 3.50
C5 PG4 G . 24.51 -21.40 4.69
C6 PG4 G . 25.90 -21.82 4.35
O4 PG4 G . 25.90 -23.08 3.69
C7 PG4 G . 27.11 -23.22 2.97
C8 PG4 G . 27.31 -24.67 2.66
O5 PG4 G . 26.24 -25.11 1.84
#